data_5IVX
#
_entry.id   5IVX
#
_cell.length_a   210.107
_cell.length_b   51.316
_cell.length_c   93.741
_cell.angle_alpha   90.00
_cell.angle_beta   97.14
_cell.angle_gamma   90.00
#
_symmetry.space_group_name_H-M   'C 1 2 1'
#
loop_
_entity.id
_entity.type
_entity.pdbx_description
1 polymer 'H-2 class I histocompatibility antigen, D-D alpha chain'
2 polymer Beta-2-microglobulin
3 polymer 'T-CELL RECEPTOR ALPHA CHAIN'
4 polymer 'T-CELL RECEPTOR BETA CHAIN'
5 polymer P18-I10
6 non-polymer 1,2-ETHANEDIOL
7 water water
#
loop_
_entity_poly.entity_id
_entity_poly.type
_entity_poly.pdbx_seq_one_letter_code
_entity_poly.pdbx_strand_id
1 'polypeptide(L)'
;MSHSLRYFVTAVSRPGFGEPRYMEVGYVDNTEFVRFDSDAENPRYEPRARWIEQEGPEYWERETRRAKGNEQSFRVDLRT
ALRYYNQSAGGSHTLQWMAGCDVESDGRLLRGYWQFAYDGCDYIALNEDLKTWTAADMAAQITRRKWEQAGAAERDRAYL
EGECVEWLRRYLKNGNATLLRTDPPKAHVTHHRRPEGDVTLRCWALGFYPADITLTWQLNGEELTQEMELVETRPAGDGT
FQKWASVVVPLGKEQKYTCHVEHEGLPEPLTLRWGKE
;
A
2 'polypeptide(L)'
;MIQKTPQIQVYSRHPPENGKPNILNCYVTQFHPPHIEIQMLKNGKKIPKVEMSDMSFSKDWSFYILAHTEFTPTETDTYA
CRVKHASMAEPKTVYWDRDM
;
B
3 'polypeptide(L)'
;QQVRQSPQSLTVWEGETAILNCSYENSAFDYFPWYQQFPGEGPALLISILSVSNKKEDGRFTIFFNKREKKLSLHIADSQ
PGDSATYFCAASASFGDNSKLIWGLGTSLVVNPNIQNPEPAVYQLKDPRSQDSTLCLFTDFDSQINVPKTMESGTFITDK
CVLDMKAMDSKSNGAIAWSNQTSFTCQDIFKETN
;
E
4 'polypeptide(L)'
;MKVTQMPRYLIKRMGENVLLECGQDMSHETMYWYRQDPGLGLQLIYISYDVDSNSEGDIPKGYRVSRKKREHFSLILDSA
KTNQTSVYFCASSLGHTEVFFGKGTRLTVVEDLRNVTPPKVSLFEPSKAEIANKQKATLVCLARGFFPDHVELSWWVNGK
EVHSGVCTDPQAYKESNYSYALSSRLRVSATFWHNPRNHFRCQVQFHGLSEEDKWPEGSPKPVTQNISAEAWGR
;
F
5 'polypeptide(L)' RGPGRAFVTI P
#
loop_
_chem_comp.id
_chem_comp.type
_chem_comp.name
_chem_comp.formula
EDO non-polymer 1,2-ETHANEDIOL 'C2 H6 O2'
#
# COMPACT_ATOMS: atom_id res chain seq x y z
N MET A 1 -18.41 -30.96 5.90
CA MET A 1 -17.78 -30.28 7.01
C MET A 1 -17.26 -28.91 6.64
N SER A 2 -16.84 -28.16 7.64
CA SER A 2 -16.31 -26.81 7.43
C SER A 2 -15.12 -26.52 8.33
N HIS A 3 -14.05 -26.00 7.75
CA HIS A 3 -12.85 -25.68 8.51
C HIS A 3 -12.40 -24.24 8.29
N SER A 4 -11.52 -23.76 9.15
CA SER A 4 -11.09 -22.37 9.07
C SER A 4 -9.63 -22.15 9.43
N LEU A 5 -9.02 -21.19 8.75
CA LEU A 5 -7.73 -20.65 9.12
C LEU A 5 -7.93 -19.19 9.45
N ARG A 6 -7.64 -18.79 10.68
CA ARG A 6 -7.85 -17.42 11.12
CA ARG A 6 -7.86 -17.42 11.12
C ARG A 6 -6.70 -16.88 11.95
N TYR A 7 -6.42 -15.60 11.81
CA TYR A 7 -5.38 -14.94 12.59
C TYR A 7 -5.99 -13.83 13.45
N PHE A 8 -5.69 -13.85 14.74
CA PHE A 8 -6.22 -12.89 15.70
C PHE A 8 -5.11 -11.97 16.17
N VAL A 9 -5.26 -10.68 15.95
CA VAL A 9 -4.19 -9.71 16.22
C VAL A 9 -4.62 -8.61 17.17
N THR A 10 -3.78 -8.32 18.16
CA THR A 10 -4.04 -7.25 19.10
C THR A 10 -2.87 -6.29 19.24
N ALA A 11 -3.16 -5.00 19.20
CA ALA A 11 -2.20 -3.96 19.52
C ALA A 11 -2.74 -3.14 20.70
N VAL A 12 -1.94 -3.05 21.77
CA VAL A 12 -2.36 -2.33 22.96
C VAL A 12 -1.34 -1.24 23.32
N SER A 13 -1.75 0.01 23.17
CA SER A 13 -0.88 1.12 23.54
C SER A 13 -0.73 1.19 25.04
N ARG A 14 0.44 1.64 25.50
CA ARG A 14 0.72 1.73 26.92
C ARG A 14 1.67 2.88 27.22
N PRO A 15 1.17 4.13 27.11
CA PRO A 15 1.98 5.33 27.30
C PRO A 15 2.77 5.31 28.59
N GLY A 16 4.09 5.50 28.49
CA GLY A 16 4.96 5.48 29.64
C GLY A 16 5.58 4.13 29.88
N PHE A 17 5.06 3.11 29.18
CA PHE A 17 5.60 1.76 29.31
C PHE A 17 6.21 1.28 28.00
N GLY A 18 6.59 2.23 27.15
CA GLY A 18 7.25 1.91 25.90
C GLY A 18 6.30 1.73 24.73
N GLU A 19 6.76 1.00 23.72
CA GLU A 19 5.97 0.74 22.52
C GLU A 19 4.78 -0.16 22.84
N PRO A 20 3.72 -0.08 22.02
CA PRO A 20 2.52 -0.89 22.22
C PRO A 20 2.80 -2.40 22.28
N ARG A 21 2.04 -3.10 23.10
CA ARG A 21 2.05 -4.55 23.11
C ARG A 21 1.48 -5.05 21.78
N TYR A 22 2.21 -5.89 21.08
CA TYR A 22 1.71 -6.41 19.81
C TYR A 22 1.71 -7.93 19.79
N MET A 23 0.56 -8.51 19.45
CA MET A 23 0.38 -9.95 19.50
C MET A 23 -0.37 -10.47 18.27
N GLU A 24 0.18 -11.51 17.65
CA GLU A 24 -0.51 -12.21 16.57
C GLU A 24 -0.70 -13.67 16.96
N VAL A 25 -1.90 -14.20 16.77
CA VAL A 25 -2.15 -15.62 17.02
C VAL A 25 -2.90 -16.26 15.86
N GLY A 26 -2.39 -17.38 15.37
CA GLY A 26 -3.01 -18.11 14.28
C GLY A 26 -3.73 -19.35 14.76
N TYR A 27 -4.92 -19.59 14.21
CA TYR A 27 -5.73 -20.75 14.57
C TYR A 27 -6.16 -21.54 13.34
N VAL A 28 -6.06 -22.87 13.44
CA VAL A 28 -6.77 -23.75 12.51
C VAL A 28 -7.98 -24.29 13.27
N ASP A 29 -9.17 -23.96 12.77
CA ASP A 29 -10.41 -24.13 13.53
C ASP A 29 -10.29 -23.38 14.86
N ASN A 30 -10.26 -24.11 15.96
CA ASN A 30 -10.12 -23.47 17.27
C ASN A 30 -8.79 -23.80 17.93
N THR A 31 -7.84 -24.27 17.13
CA THR A 31 -6.56 -24.72 17.64
C THR A 31 -5.45 -23.72 17.31
N GLU A 32 -4.84 -23.15 18.34
CA GLU A 32 -3.70 -22.27 18.18
C GLU A 32 -2.48 -23.05 17.69
N PHE A 33 -1.81 -22.54 16.66
CA PHE A 33 -0.65 -23.25 16.13
C PHE A 33 0.56 -22.35 15.95
N VAL A 34 0.33 -21.04 15.91
CA VAL A 34 1.43 -20.06 15.86
C VAL A 34 1.11 -18.83 16.70
N ARG A 35 2.16 -18.20 17.25
CA ARG A 35 1.97 -16.99 18.04
C ARG A 35 3.20 -16.07 17.96
N PHE A 36 2.93 -14.78 17.77
CA PHE A 36 3.96 -13.75 17.83
C PHE A 36 3.68 -12.81 19.00
N ASP A 37 4.69 -12.55 19.81
CA ASP A 37 4.55 -11.65 20.95
C ASP A 37 5.71 -10.65 20.98
N SER A 38 5.39 -9.37 20.93
CA SER A 38 6.41 -8.32 20.91
C SER A 38 7.17 -8.23 22.23
N ASP A 39 6.57 -8.74 23.29
CA ASP A 39 7.18 -8.67 24.62
C ASP A 39 8.03 -9.90 24.94
N ALA A 40 8.04 -10.87 24.04
CA ALA A 40 8.84 -12.07 24.23
C ALA A 40 10.33 -11.72 24.26
N GLU A 41 11.12 -12.57 24.91
CA GLU A 41 12.56 -12.33 25.03
C GLU A 41 13.21 -12.19 23.66
N ASN A 42 12.72 -12.97 22.69
CA ASN A 42 13.14 -12.84 21.31
C ASN A 42 11.94 -12.77 20.38
N PRO A 43 11.51 -11.54 20.02
CA PRO A 43 10.31 -11.30 19.22
C PRO A 43 10.34 -11.99 17.86
N ARG A 44 9.62 -13.10 17.75
CA ARG A 44 9.52 -13.84 16.49
C ARG A 44 8.34 -14.79 16.53
N TYR A 45 7.89 -15.23 15.37
CA TYR A 45 6.81 -16.20 15.30
C TYR A 45 7.27 -17.53 15.88
N GLU A 46 6.44 -18.11 16.74
CA GLU A 46 6.79 -19.37 17.41
C GLU A 46 5.74 -20.43 17.13
N PRO A 47 6.17 -21.70 17.03
CA PRO A 47 5.23 -22.81 16.88
C PRO A 47 4.45 -23.06 18.16
N ARG A 48 3.17 -23.38 18.04
CA ARG A 48 2.32 -23.63 19.20
C ARG A 48 1.66 -24.99 19.08
N ALA A 49 1.83 -25.63 17.92
CA ALA A 49 1.32 -26.97 17.69
C ALA A 49 2.40 -27.84 17.06
N ARG A 50 2.25 -29.16 17.16
CA ARG A 50 3.27 -30.10 16.73
C ARG A 50 3.51 -30.08 15.22
N TRP A 51 2.43 -30.10 14.46
CA TRP A 51 2.48 -30.28 13.01
C TRP A 51 3.03 -29.09 12.24
N ILE A 52 3.21 -27.96 12.92
CA ILE A 52 3.72 -26.76 12.25
C ILE A 52 5.24 -26.65 12.37
N GLU A 53 5.83 -27.49 13.23
CA GLU A 53 7.26 -27.44 13.47
C GLU A 53 8.07 -27.90 12.25
N GLN A 54 7.42 -28.65 11.36
CA GLN A 54 8.10 -29.20 10.19
C GLN A 54 8.32 -28.15 9.10
N GLU A 55 7.76 -26.96 9.29
CA GLU A 55 7.97 -25.88 8.34
C GLU A 55 9.39 -25.36 8.44
N GLY A 56 10.01 -25.11 7.30
CA GLY A 56 11.41 -24.72 7.24
C GLY A 56 11.71 -23.35 7.82
N PRO A 57 13.00 -23.02 7.95
CA PRO A 57 13.47 -21.74 8.49
C PRO A 57 12.95 -20.52 7.71
N GLU A 58 12.75 -20.68 6.42
CA GLU A 58 12.28 -19.58 5.58
C GLU A 58 10.83 -19.21 5.91
N TYR A 59 10.08 -20.20 6.38
CA TYR A 59 8.69 -19.99 6.80
C TYR A 59 8.64 -19.08 8.02
N TRP A 60 9.48 -19.37 9.00
CA TRP A 60 9.47 -18.63 10.27
C TRP A 60 10.08 -17.25 10.11
N GLU A 61 11.02 -17.12 9.18
CA GLU A 61 11.63 -15.82 8.91
C GLU A 61 10.67 -14.92 8.14
N ARG A 62 9.94 -15.51 7.20
CA ARG A 62 8.95 -14.76 6.42
C ARG A 62 7.79 -14.28 7.28
N GLU A 63 7.32 -15.14 8.17
CA GLU A 63 6.18 -14.81 9.02
C GLU A 63 6.57 -13.78 10.09
N THR A 64 7.81 -13.86 10.58
CA THR A 64 8.31 -12.89 11.54
C THR A 64 8.42 -11.51 10.92
N ARG A 65 8.94 -11.45 9.70
CA ARG A 65 9.03 -10.19 8.96
C ARG A 65 7.65 -9.60 8.72
N ARG A 66 6.68 -10.46 8.39
CA ARG A 66 5.31 -10.01 8.17
C ARG A 66 4.73 -9.40 9.43
N ALA A 67 4.98 -10.05 10.57
CA ALA A 67 4.48 -9.57 11.86
C ALA A 67 5.13 -8.24 12.22
N LYS A 68 6.43 -8.12 11.98
CA LYS A 68 7.15 -6.91 12.31
C LYS A 68 6.69 -5.74 11.44
N GLY A 69 6.34 -6.02 10.19
CA GLY A 69 5.78 -5.02 9.31
C GLY A 69 4.40 -4.60 9.78
N ASN A 70 3.57 -5.58 10.15
CA ASN A 70 2.24 -5.33 10.68
C ASN A 70 2.29 -4.50 11.96
N GLU A 71 3.24 -4.82 12.83
CA GLU A 71 3.39 -4.11 14.10
C GLU A 71 3.60 -2.62 13.88
N GLN A 72 4.37 -2.26 12.86
CA GLN A 72 4.63 -0.87 12.54
C GLN A 72 3.37 -0.16 12.06
N SER A 73 2.54 -0.88 11.30
CA SER A 73 1.27 -0.34 10.83
C SER A 73 0.33 -0.05 11.99
N PHE A 74 0.24 -1.00 12.93
CA PHE A 74 -0.61 -0.84 14.09
C PHE A 74 -0.12 0.25 15.03
N ARG A 75 1.20 0.45 15.10
CA ARG A 75 1.79 1.51 15.89
CA ARG A 75 1.78 1.53 15.89
C ARG A 75 1.30 2.88 15.41
N VAL A 76 1.36 3.06 14.09
CA VAL A 76 0.91 4.30 13.45
C VAL A 76 -0.61 4.45 13.59
N ASP A 77 -1.33 3.34 13.46
CA ASP A 77 -2.79 3.32 13.54
C ASP A 77 -3.31 3.78 14.90
N LEU A 78 -2.64 3.35 15.97
CA LEU A 78 -3.03 3.73 17.32
C LEU A 78 -2.91 5.24 17.51
N ARG A 79 -1.90 5.85 16.89
CA ARG A 79 -1.72 7.29 16.95
C ARG A 79 -2.77 8.00 16.09
N THR A 80 -3.09 7.41 14.94
CA THR A 80 -4.11 7.95 14.06
C THR A 80 -5.48 7.94 14.74
N ALA A 81 -5.76 6.89 15.49
CA ALA A 81 -7.02 6.76 16.20
C ALA A 81 -7.18 7.88 17.22
N LEU A 82 -6.09 8.23 17.90
CA LEU A 82 -6.09 9.36 18.83
C LEU A 82 -6.51 10.64 18.12
N ARG A 83 -5.99 10.83 16.91
CA ARG A 83 -6.37 11.98 16.09
CA ARG A 83 -6.38 12.00 16.10
C ARG A 83 -7.86 11.99 15.77
N TYR A 84 -8.33 10.90 15.18
CA TYR A 84 -9.73 10.77 14.76
C TYR A 84 -10.74 11.07 15.87
N TYR A 85 -10.54 10.43 17.02
CA TYR A 85 -11.49 10.54 18.14
C TYR A 85 -11.16 11.71 19.06
N ASN A 86 -10.10 12.45 18.74
CA ASN A 86 -9.62 13.53 19.58
C ASN A 86 -9.39 13.08 21.03
N GLN A 87 -8.64 12.00 21.18
CA GLN A 87 -8.37 11.42 22.49
C GLN A 87 -6.98 11.79 23.00
N SER A 88 -6.82 11.79 24.31
CA SER A 88 -5.53 12.07 24.93
C SER A 88 -4.50 11.01 24.59
N ALA A 89 -3.23 11.39 24.67
CA ALA A 89 -2.13 10.46 24.41
C ALA A 89 -1.69 9.78 25.70
N GLY A 90 -2.46 9.95 26.77
CA GLY A 90 -2.08 9.46 28.08
C GLY A 90 -2.73 8.17 28.51
N GLY A 91 -3.71 7.70 27.74
CA GLY A 91 -4.42 6.48 28.10
C GLY A 91 -4.10 5.30 27.21
N SER A 92 -4.45 4.11 27.68
CA SER A 92 -4.25 2.89 26.91
C SER A 92 -5.45 2.64 25.98
N HIS A 93 -5.16 2.24 24.76
CA HIS A 93 -6.21 1.90 23.80
C HIS A 93 -5.86 0.62 23.06
N THR A 94 -6.86 -0.06 22.55
CA THR A 94 -6.65 -1.32 21.85
C THR A 94 -7.12 -1.25 20.41
N LEU A 95 -6.35 -1.87 19.53
CA LEU A 95 -6.76 -2.07 18.16
C LEU A 95 -6.68 -3.56 17.87
N GLN A 96 -7.81 -4.16 17.52
CA GLN A 96 -7.86 -5.59 17.25
C GLN A 96 -8.17 -5.86 15.79
N TRP A 97 -7.70 -7.01 15.32
CA TRP A 97 -7.82 -7.38 13.92
C TRP A 97 -8.05 -8.87 13.78
N MET A 98 -9.05 -9.26 13.01
CA MET A 98 -9.25 -10.67 12.70
C MET A 98 -9.40 -10.87 11.20
N ALA A 99 -8.59 -11.76 10.66
CA ALA A 99 -8.64 -12.09 9.24
C ALA A 99 -8.53 -13.61 9.07
N GLY A 100 -9.27 -14.15 8.10
CA GLY A 100 -9.22 -15.56 7.86
C GLY A 100 -10.28 -16.06 6.91
N CYS A 101 -10.31 -17.36 6.69
CA CYS A 101 -11.22 -17.96 5.72
C CYS A 101 -11.97 -19.16 6.28
N ASP A 102 -13.27 -19.22 5.98
CA ASP A 102 -14.07 -20.42 6.24
C ASP A 102 -14.19 -21.20 4.94
N VAL A 103 -13.74 -22.45 4.96
CA VAL A 103 -13.73 -23.28 3.76
C VAL A 103 -14.50 -24.58 3.97
N GLU A 104 -15.33 -24.94 3.00
CA GLU A 104 -16.16 -26.13 3.12
C GLU A 104 -15.46 -27.36 2.55
N SER A 105 -16.17 -28.48 2.48
CA SER A 105 -15.62 -29.77 2.08
C SER A 105 -14.88 -29.74 0.74
N ASP A 106 -15.46 -29.10 -0.26
CA ASP A 106 -14.88 -29.08 -1.60
C ASP A 106 -13.58 -28.28 -1.64
N GLY A 107 -13.64 -27.07 -1.10
CA GLY A 107 -12.53 -26.13 -1.19
C GLY A 107 -13.10 -24.77 -1.48
N ARG A 108 -14.42 -24.71 -1.56
CA ARG A 108 -15.13 -23.45 -1.77
C ARG A 108 -14.95 -22.55 -0.55
N LEU A 109 -14.89 -21.25 -0.81
CA LEU A 109 -14.80 -20.27 0.27
C LEU A 109 -16.20 -19.95 0.78
N LEU A 110 -16.48 -20.35 2.02
CA LEU A 110 -17.76 -20.03 2.65
C LEU A 110 -17.85 -18.53 2.94
N ARG A 111 -16.85 -18.02 3.66
CA ARG A 111 -16.80 -16.61 3.99
C ARG A 111 -15.37 -16.19 4.29
N GLY A 112 -15.01 -14.98 3.87
CA GLY A 112 -13.71 -14.40 4.18
C GLY A 112 -13.87 -13.31 5.22
N TYR A 113 -12.91 -13.22 6.13
CA TYR A 113 -12.95 -12.20 7.17
C TYR A 113 -11.75 -11.26 7.09
N TRP A 114 -11.99 -9.99 7.38
CA TRP A 114 -10.96 -8.97 7.43
C TRP A 114 -11.54 -7.76 8.14
N GLN A 115 -11.54 -7.80 9.47
CA GLN A 115 -12.27 -6.80 10.25
C GLN A 115 -11.46 -6.28 11.44
N PHE A 116 -11.79 -5.04 11.85
CA PHE A 116 -11.06 -4.36 12.91
C PHE A 116 -11.99 -3.89 14.03
N ALA A 117 -11.42 -3.74 15.22
CA ALA A 117 -12.14 -3.16 16.35
C ALA A 117 -11.25 -2.21 17.13
N TYR A 118 -11.82 -1.11 17.59
CA TYR A 118 -11.09 -0.15 18.39
C TYR A 118 -11.69 -0.04 19.79
N ASP A 119 -10.86 -0.24 20.80
CA ASP A 119 -11.29 -0.26 22.20
C ASP A 119 -12.46 -1.21 22.43
N GLY A 120 -12.42 -2.35 21.75
CA GLY A 120 -13.40 -3.40 21.97
C GLY A 120 -14.67 -3.31 21.16
N CYS A 121 -14.78 -2.26 20.34
CA CYS A 121 -15.98 -2.06 19.53
C CYS A 121 -15.67 -2.13 18.05
N ASP A 122 -16.61 -2.65 17.27
CA ASP A 122 -16.47 -2.73 15.82
C ASP A 122 -15.98 -1.40 15.26
N TYR A 123 -14.98 -1.47 14.39
CA TYR A 123 -14.45 -0.27 13.73
C TYR A 123 -14.77 -0.32 12.25
N ILE A 124 -14.09 -1.20 11.52
CA ILE A 124 -14.39 -1.39 10.11
C ILE A 124 -14.28 -2.87 9.75
N ALA A 125 -15.11 -3.31 8.81
CA ALA A 125 -15.13 -4.72 8.42
C ALA A 125 -15.33 -4.88 6.91
N LEU A 126 -14.57 -5.79 6.33
CA LEU A 126 -14.76 -6.15 4.93
C LEU A 126 -16.05 -6.96 4.80
N ASN A 127 -16.92 -6.54 3.89
CA ASN A 127 -18.19 -7.23 3.69
C ASN A 127 -17.99 -8.58 3.03
N GLU A 128 -19.06 -9.38 3.00
CA GLU A 128 -18.99 -10.74 2.48
C GLU A 128 -18.61 -10.78 1.00
N ASP A 129 -18.90 -9.70 0.28
CA ASP A 129 -18.55 -9.62 -1.14
C ASP A 129 -17.04 -9.49 -1.33
N LEU A 130 -16.34 -9.21 -0.24
CA LEU A 130 -14.89 -9.02 -0.24
C LEU A 130 -14.48 -7.88 -1.16
N LYS A 131 -15.38 -6.91 -1.35
CA LYS A 131 -15.13 -5.77 -2.22
C LYS A 131 -15.41 -4.45 -1.52
N THR A 132 -16.40 -4.43 -0.63
CA THR A 132 -16.81 -3.20 0.03
C THR A 132 -16.62 -3.28 1.56
N TRP A 133 -16.59 -2.11 2.20
CA TRP A 133 -16.35 -2.02 3.63
C TRP A 133 -17.57 -1.51 4.39
N THR A 134 -17.71 -1.98 5.63
CA THR A 134 -18.72 -1.44 6.54
C THR A 134 -18.04 -0.73 7.70
N ALA A 135 -18.25 0.58 7.79
CA ALA A 135 -17.65 1.39 8.84
C ALA A 135 -18.65 1.61 9.97
N ALA A 136 -18.19 1.52 11.22
CA ALA A 136 -19.07 1.52 12.38
C ALA A 136 -19.27 2.88 13.01
N ASP A 137 -18.36 3.82 12.75
CA ASP A 137 -18.54 5.19 13.25
C ASP A 137 -17.87 6.20 12.33
N MET A 138 -17.89 7.47 12.73
CA MET A 138 -17.39 8.55 11.89
C MET A 138 -15.89 8.47 11.63
N ALA A 139 -15.14 7.99 12.61
CA ALA A 139 -13.71 7.80 12.44
C ALA A 139 -13.45 6.76 11.36
N ALA A 140 -14.24 5.69 11.40
CA ALA A 140 -14.11 4.58 10.48
C ALA A 140 -14.56 4.96 9.06
N GLN A 141 -15.38 6.00 8.95
CA GLN A 141 -15.81 6.49 7.65
C GLN A 141 -14.63 7.09 6.89
N ILE A 142 -13.75 7.77 7.63
CA ILE A 142 -12.52 8.31 7.06
C ILE A 142 -11.65 7.17 6.55
N THR A 143 -11.50 6.13 7.38
CA THR A 143 -10.74 4.95 7.02
C THR A 143 -11.32 4.28 5.78
N ARG A 144 -12.64 4.18 5.73
CA ARG A 144 -13.32 3.56 4.60
C ARG A 144 -13.03 4.31 3.30
N ARG A 145 -13.13 5.64 3.35
CA ARG A 145 -12.86 6.46 2.17
C ARG A 145 -11.41 6.32 1.72
N LYS A 146 -10.49 6.28 2.68
CA LYS A 146 -9.08 6.09 2.36
C LYS A 146 -8.82 4.76 1.68
N TRP A 147 -9.45 3.70 2.20
CA TRP A 147 -9.22 2.35 1.70
C TRP A 147 -9.93 2.12 0.37
N GLU A 148 -11.04 2.83 0.17
CA GLU A 148 -11.75 2.76 -1.11
C GLU A 148 -10.93 3.41 -2.22
N GLN A 149 -10.39 4.60 -1.94
CA GLN A 149 -9.54 5.30 -2.90
C GLN A 149 -8.27 4.51 -3.20
N ALA A 150 -7.76 3.80 -2.20
CA ALA A 150 -6.51 3.06 -2.35
C ALA A 150 -6.72 1.69 -2.98
N GLY A 151 -7.99 1.25 -3.04
CA GLY A 151 -8.32 -0.05 -3.59
C GLY A 151 -7.70 -1.16 -2.76
N ALA A 152 -7.76 -1.00 -1.45
CA ALA A 152 -7.08 -1.89 -0.51
C ALA A 152 -7.68 -3.28 -0.48
N ALA A 153 -8.98 -3.38 -0.72
CA ALA A 153 -9.71 -4.64 -0.58
C ALA A 153 -9.27 -5.70 -1.58
N GLU A 154 -8.71 -5.27 -2.71
CA GLU A 154 -8.34 -6.18 -3.79
C GLU A 154 -7.27 -7.18 -3.34
N ARG A 155 -6.24 -6.69 -2.66
CA ARG A 155 -5.18 -7.54 -2.15
C ARG A 155 -5.69 -8.41 -1.01
N ASP A 156 -6.57 -7.84 -0.19
CA ASP A 156 -7.16 -8.57 0.93
C ASP A 156 -7.98 -9.74 0.43
N ARG A 157 -8.79 -9.50 -0.60
CA ARG A 157 -9.58 -10.56 -1.22
C ARG A 157 -8.68 -11.62 -1.81
N ALA A 158 -7.57 -11.19 -2.43
CA ALA A 158 -6.61 -12.11 -3.03
C ALA A 158 -6.04 -13.06 -2.00
N TYR A 159 -5.78 -12.55 -0.79
CA TYR A 159 -5.27 -13.39 0.29
C TYR A 159 -6.30 -14.40 0.76
N LEU A 160 -7.53 -13.93 0.95
CA LEU A 160 -8.61 -14.75 1.50
C LEU A 160 -9.02 -15.88 0.56
N GLU A 161 -9.10 -15.57 -0.74
CA GLU A 161 -9.54 -16.56 -1.72
C GLU A 161 -8.41 -17.47 -2.17
N GLY A 162 -7.16 -17.03 -1.98
CA GLY A 162 -6.01 -17.78 -2.43
C GLY A 162 -5.18 -18.36 -1.31
N GLU A 163 -4.20 -17.58 -0.86
CA GLU A 163 -3.24 -17.99 0.15
C GLU A 163 -3.87 -18.65 1.37
N CYS A 164 -4.91 -18.03 1.91
CA CYS A 164 -5.58 -18.53 3.11
C CYS A 164 -6.15 -19.93 2.89
N VAL A 165 -6.85 -20.12 1.78
CA VAL A 165 -7.45 -21.40 1.46
C VAL A 165 -6.39 -22.48 1.20
N GLU A 166 -5.35 -22.11 0.44
CA GLU A 166 -4.29 -23.04 0.08
C GLU A 166 -3.52 -23.54 1.30
N TRP A 167 -3.18 -22.63 2.21
CA TRP A 167 -2.38 -22.99 3.37
C TRP A 167 -3.20 -23.73 4.42
N LEU A 168 -4.49 -23.44 4.47
CA LEU A 168 -5.40 -24.19 5.35
C LEU A 168 -5.43 -25.66 4.95
N ARG A 169 -5.45 -25.91 3.65
CA ARG A 169 -5.44 -27.28 3.14
C ARG A 169 -4.17 -28.00 3.55
N ARG A 170 -3.04 -27.31 3.46
CA ARG A 170 -1.76 -27.87 3.88
C ARG A 170 -1.73 -28.15 5.37
N TYR A 171 -2.22 -27.20 6.17
CA TYR A 171 -2.22 -27.34 7.62
C TYR A 171 -3.10 -28.51 8.07
N LEU A 172 -4.27 -28.65 7.43
CA LEU A 172 -5.18 -29.75 7.75
C LEU A 172 -4.55 -31.09 7.43
N LYS A 173 -3.78 -31.13 6.34
CA LYS A 173 -3.07 -32.34 5.93
C LYS A 173 -2.01 -32.73 6.95
N ASN A 174 -1.11 -31.80 7.25
CA ASN A 174 0.00 -32.07 8.15
C ASN A 174 -0.44 -32.31 9.58
N GLY A 175 -1.54 -31.66 9.98
CA GLY A 175 -2.04 -31.78 11.34
C GLY A 175 -3.26 -32.67 11.47
N ASN A 176 -3.50 -33.50 10.46
CA ASN A 176 -4.66 -34.37 10.40
C ASN A 176 -4.88 -35.20 11.66
N ALA A 177 -3.79 -35.78 12.18
CA ALA A 177 -3.83 -36.68 13.34
C ALA A 177 -4.51 -36.04 14.56
N THR A 178 -4.23 -34.77 14.79
CA THR A 178 -4.73 -34.09 15.98
C THR A 178 -5.93 -33.19 15.66
N LEU A 179 -5.86 -32.49 14.54
CA LEU A 179 -6.91 -31.54 14.17
C LEU A 179 -8.24 -32.22 13.87
N LEU A 180 -8.18 -33.32 13.12
CA LEU A 180 -9.40 -33.99 12.67
C LEU A 180 -9.71 -35.25 13.48
N ARG A 181 -9.07 -35.39 14.63
CA ARG A 181 -9.33 -36.52 15.51
C ARG A 181 -10.70 -36.37 16.17
N THR A 182 -11.19 -37.45 16.78
CA THR A 182 -12.43 -37.40 17.54
C THR A 182 -12.25 -38.07 18.89
N ASP A 183 -12.65 -37.37 19.94
CA ASP A 183 -12.65 -37.93 21.28
C ASP A 183 -14.08 -37.91 21.83
N PRO A 184 -14.60 -39.09 22.19
CA PRO A 184 -15.96 -39.18 22.72
C PRO A 184 -16.09 -38.58 24.11
N PRO A 185 -17.26 -37.99 24.43
CA PRO A 185 -17.50 -37.43 25.75
C PRO A 185 -17.80 -38.50 26.80
N LYS A 186 -17.19 -38.36 27.97
CA LYS A 186 -17.54 -39.16 29.13
C LYS A 186 -18.59 -38.42 29.94
N ALA A 187 -19.75 -39.02 30.10
CA ALA A 187 -20.88 -38.32 30.71
C ALA A 187 -21.34 -38.96 32.02
N HIS A 188 -21.82 -38.13 32.94
CA HIS A 188 -22.40 -38.59 34.20
C HIS A 188 -23.41 -37.58 34.73
N VAL A 189 -24.26 -38.01 35.66
CA VAL A 189 -25.28 -37.15 36.21
C VAL A 189 -25.13 -36.97 37.72
N THR A 190 -25.15 -35.72 38.18
CA THR A 190 -25.06 -35.43 39.61
C THR A 190 -26.44 -35.15 40.20
N HIS A 191 -26.52 -35.22 41.53
CA HIS A 191 -27.79 -35.02 42.22
C HIS A 191 -27.61 -34.05 43.38
N HIS A 192 -28.41 -32.98 43.38
CA HIS A 192 -28.34 -32.00 44.46
C HIS A 192 -29.74 -31.55 44.88
N ARG A 193 -30.03 -31.71 46.17
CA ARG A 193 -31.30 -31.26 46.72
C ARG A 193 -31.23 -29.80 47.14
N ARG A 194 -31.95 -28.94 46.42
CA ARG A 194 -32.09 -27.55 46.82
C ARG A 194 -32.84 -27.49 48.14
N PRO A 195 -32.61 -26.44 48.93
CA PRO A 195 -33.29 -26.31 50.24
C PRO A 195 -34.81 -26.14 50.15
N GLU A 196 -35.37 -26.33 48.95
CA GLU A 196 -36.81 -26.12 48.76
C GLU A 196 -37.49 -27.31 48.07
N GLY A 197 -37.28 -28.50 48.62
CA GLY A 197 -37.97 -29.69 48.15
C GLY A 197 -37.52 -30.28 46.83
N ASP A 198 -37.34 -29.42 45.82
CA ASP A 198 -36.97 -29.86 44.49
C ASP A 198 -35.55 -30.42 44.43
N VAL A 199 -35.16 -30.91 43.26
CA VAL A 199 -33.83 -31.50 43.05
C VAL A 199 -33.20 -30.99 41.76
N THR A 200 -31.95 -30.55 41.86
CA THR A 200 -31.21 -30.12 40.67
C THR A 200 -30.44 -31.29 40.05
N LEU A 201 -30.87 -31.71 38.86
CA LEU A 201 -30.18 -32.75 38.13
C LEU A 201 -29.28 -32.14 37.05
N ARG A 202 -27.98 -32.40 37.16
CA ARG A 202 -27.01 -31.83 36.22
C ARG A 202 -26.33 -32.91 35.41
N CYS A 203 -26.35 -32.76 34.09
CA CYS A 203 -25.71 -33.71 33.18
C CYS A 203 -24.38 -33.20 32.68
N TRP A 204 -23.30 -33.91 33.01
CA TRP A 204 -21.96 -33.50 32.61
C TRP A 204 -21.50 -34.20 31.34
N ALA A 205 -20.62 -33.53 30.59
CA ALA A 205 -19.95 -34.13 29.44
C ALA A 205 -18.49 -33.71 29.45
N LEU A 206 -17.58 -34.67 29.56
CA LEU A 206 -16.16 -34.36 29.75
C LEU A 206 -15.25 -35.00 28.71
N GLY A 207 -14.14 -34.33 28.43
CA GLY A 207 -13.07 -34.88 27.62
C GLY A 207 -13.36 -35.12 26.16
N PHE A 208 -14.26 -34.34 25.58
CA PHE A 208 -14.63 -34.55 24.18
C PHE A 208 -13.94 -33.56 23.23
N TYR A 209 -13.81 -33.98 21.98
CA TYR A 209 -13.22 -33.17 20.92
C TYR A 209 -13.78 -33.63 19.57
N PRO A 210 -14.18 -32.68 18.71
CA PRO A 210 -14.13 -31.22 18.90
C PRO A 210 -15.22 -30.70 19.83
N ALA A 211 -15.26 -29.38 19.98
CA ALA A 211 -16.14 -28.73 20.97
C ALA A 211 -17.62 -28.87 20.64
N ASP A 212 -17.94 -29.02 19.36
CA ASP A 212 -19.34 -29.09 18.93
C ASP A 212 -20.06 -30.29 19.57
N ILE A 213 -21.08 -29.99 20.37
CA ILE A 213 -21.80 -31.02 21.10
C ILE A 213 -23.23 -30.56 21.41
N THR A 214 -24.13 -31.52 21.58
CA THR A 214 -25.51 -31.21 21.92
C THR A 214 -25.92 -31.88 23.22
N LEU A 215 -26.20 -31.07 24.23
CA LEU A 215 -26.62 -31.57 25.53
C LEU A 215 -28.10 -31.29 25.75
N THR A 216 -28.87 -32.35 25.98
CA THR A 216 -30.33 -32.22 26.07
C THR A 216 -30.94 -33.10 27.15
N TRP A 217 -31.49 -32.46 28.18
CA TRP A 217 -32.34 -33.17 29.13
C TRP A 217 -33.71 -33.42 28.48
N GLN A 218 -34.32 -34.58 28.75
CA GLN A 218 -35.55 -34.95 28.07
C GLN A 218 -36.71 -35.19 29.03
N LEU A 219 -37.72 -35.91 28.55
CA LEU A 219 -39.04 -35.91 29.18
C LEU A 219 -39.92 -37.09 28.76
N ASN A 220 -40.32 -37.12 27.49
CA ASN A 220 -41.52 -37.82 27.04
C ASN A 220 -41.67 -37.57 25.54
N GLY A 221 -40.64 -36.95 24.98
CA GLY A 221 -40.67 -36.53 23.59
C GLY A 221 -39.41 -35.73 23.31
N GLU A 222 -39.58 -34.44 23.00
CA GLU A 222 -38.43 -33.61 22.68
C GLU A 222 -38.57 -32.14 23.07
N GLU A 223 -39.19 -31.85 24.20
CA GLU A 223 -39.24 -30.46 24.69
C GLU A 223 -38.08 -30.21 25.65
N LEU A 224 -38.27 -29.21 26.53
CA LEU A 224 -37.32 -28.70 27.52
C LEU A 224 -36.51 -27.56 26.93
N THR A 225 -37.23 -26.49 26.61
CA THR A 225 -36.67 -25.30 26.01
C THR A 225 -35.85 -24.49 27.01
N GLN A 226 -36.55 -23.78 27.88
CA GLN A 226 -35.92 -22.77 28.72
C GLN A 226 -36.17 -22.97 30.22
N GLU A 227 -36.08 -24.23 30.66
CA GLU A 227 -36.04 -24.52 32.09
C GLU A 227 -34.77 -25.31 32.37
N MET A 228 -33.98 -25.50 31.31
CA MET A 228 -32.67 -26.14 31.40
C MET A 228 -31.56 -25.11 31.23
N GLU A 229 -30.78 -24.91 32.29
CA GLU A 229 -29.71 -23.92 32.23
C GLU A 229 -28.40 -24.53 31.75
N LEU A 230 -27.70 -23.80 30.89
CA LEU A 230 -26.47 -24.27 30.28
C LEU A 230 -25.25 -23.48 30.75
N VAL A 231 -24.08 -24.07 30.56
CA VAL A 231 -22.84 -23.33 30.58
C VAL A 231 -22.20 -23.47 29.20
N GLU A 232 -21.54 -22.40 28.75
CA GLU A 232 -20.86 -22.45 27.47
C GLU A 232 -19.75 -23.50 27.53
N THR A 233 -19.49 -24.17 26.40
CA THR A 233 -18.45 -25.18 26.35
C THR A 233 -17.09 -24.56 26.69
N ARG A 234 -16.42 -25.14 27.68
CA ARG A 234 -15.17 -24.58 28.17
C ARG A 234 -14.00 -25.55 27.96
N PRO A 235 -12.80 -25.02 27.71
CA PRO A 235 -11.63 -25.80 27.32
C PRO A 235 -10.86 -26.41 28.49
N ALA A 236 -10.05 -27.42 28.18
CA ALA A 236 -9.11 -28.00 29.12
C ALA A 236 -7.69 -27.81 28.59
N GLY A 237 -6.70 -28.18 29.39
CA GLY A 237 -5.31 -28.02 28.98
C GLY A 237 -4.92 -28.92 27.82
N ASP A 238 -5.54 -30.10 27.77
CA ASP A 238 -5.17 -31.11 26.78
C ASP A 238 -5.90 -30.93 25.44
N GLY A 239 -6.63 -29.82 25.31
CA GLY A 239 -7.31 -29.52 24.06
C GLY A 239 -8.74 -30.05 23.99
N THR A 240 -9.12 -30.86 24.97
CA THR A 240 -10.48 -31.38 25.04
C THR A 240 -11.40 -30.36 25.69
N PHE A 241 -12.70 -30.65 25.69
CA PHE A 241 -13.69 -29.71 26.19
C PHE A 241 -14.65 -30.35 27.19
N GLN A 242 -15.30 -29.51 27.98
CA GLN A 242 -16.33 -29.99 28.90
C GLN A 242 -17.53 -29.05 28.89
N LYS A 243 -18.67 -29.56 29.36
CA LYS A 243 -19.92 -28.83 29.32
C LYS A 243 -20.96 -29.54 30.19
N TRP A 244 -21.88 -28.77 30.79
CA TRP A 244 -22.98 -29.40 31.53
C TRP A 244 -24.30 -28.68 31.35
N ALA A 245 -25.38 -29.42 31.59
CA ALA A 245 -26.74 -28.88 31.51
C ALA A 245 -27.54 -29.38 32.71
N SER A 246 -28.33 -28.50 33.31
CA SER A 246 -29.08 -28.87 34.51
C SER A 246 -30.55 -28.48 34.43
N VAL A 247 -31.39 -29.31 35.05
CA VAL A 247 -32.81 -29.02 35.17
C VAL A 247 -33.26 -29.16 36.61
N VAL A 248 -34.35 -28.50 36.96
CA VAL A 248 -34.91 -28.60 38.30
C VAL A 248 -36.13 -29.52 38.30
N VAL A 249 -36.03 -30.63 39.03
CA VAL A 249 -37.10 -31.62 39.05
C VAL A 249 -37.66 -31.81 40.46
N PRO A 250 -38.95 -32.12 40.56
CA PRO A 250 -39.58 -32.44 41.85
C PRO A 250 -39.02 -33.72 42.45
N LEU A 251 -38.95 -33.78 43.77
CA LEU A 251 -38.35 -34.92 44.45
C LEU A 251 -39.17 -36.20 44.24
N GLY A 252 -38.49 -37.26 43.80
CA GLY A 252 -39.13 -38.54 43.57
C GLY A 252 -39.29 -38.85 42.10
N LYS A 253 -39.68 -37.86 41.32
CA LYS A 253 -39.90 -38.04 39.89
C LYS A 253 -38.65 -37.71 39.09
N GLU A 254 -37.48 -37.95 39.70
CA GLU A 254 -36.21 -37.69 39.05
C GLU A 254 -35.94 -38.74 37.97
N GLN A 255 -36.63 -39.87 38.10
CA GLN A 255 -36.39 -41.05 37.27
C GLN A 255 -37.03 -40.93 35.89
N LYS A 256 -37.83 -39.89 35.67
CA LYS A 256 -38.49 -39.71 34.39
C LYS A 256 -37.69 -38.80 33.47
N TYR A 257 -36.86 -37.95 34.07
CA TYR A 257 -35.99 -37.05 33.33
C TYR A 257 -34.72 -37.77 32.87
N THR A 258 -34.44 -37.69 31.58
CA THR A 258 -33.28 -38.37 31.01
C THR A 258 -32.40 -37.41 30.20
N CYS A 259 -31.09 -37.64 30.26
CA CYS A 259 -30.13 -36.78 29.57
C CYS A 259 -29.54 -37.46 28.34
N HIS A 260 -29.35 -36.68 27.28
CA HIS A 260 -28.83 -37.22 26.02
C HIS A 260 -27.74 -36.31 25.45
N VAL A 261 -26.62 -36.91 25.09
CA VAL A 261 -25.53 -36.17 24.50
C VAL A 261 -25.38 -36.60 23.03
N GLU A 262 -24.96 -35.66 22.20
CA GLU A 262 -24.75 -35.94 20.78
C GLU A 262 -23.38 -35.42 20.36
N HIS A 263 -22.55 -36.31 19.83
CA HIS A 263 -21.19 -35.93 19.47
C HIS A 263 -20.69 -36.84 18.35
N GLU A 264 -19.85 -36.29 17.48
CA GLU A 264 -19.34 -37.04 16.33
C GLU A 264 -18.31 -38.09 16.76
N GLY A 265 -17.91 -38.04 18.02
CA GLY A 265 -16.97 -39.01 18.57
C GLY A 265 -17.69 -40.24 19.11
N LEU A 266 -19.01 -40.24 18.99
CA LEU A 266 -19.83 -41.35 19.47
C LEU A 266 -20.47 -42.12 18.33
N PRO A 267 -20.48 -43.46 18.41
CA PRO A 267 -21.19 -44.29 17.44
C PRO A 267 -22.69 -44.02 17.50
N GLU A 268 -23.20 -43.81 18.71
CA GLU A 268 -24.60 -43.51 18.93
C GLU A 268 -24.74 -42.60 20.16
N PRO A 269 -25.76 -41.73 20.16
CA PRO A 269 -25.98 -40.80 21.28
C PRO A 269 -26.15 -41.50 22.62
N LEU A 270 -25.58 -40.92 23.67
CA LEU A 270 -25.65 -41.50 25.00
C LEU A 270 -26.99 -41.20 25.68
N THR A 271 -27.46 -42.13 26.49
CA THR A 271 -28.68 -41.94 27.26
C THR A 271 -28.38 -42.08 28.75
N LEU A 272 -28.54 -41.00 29.50
CA LEU A 272 -28.23 -41.01 30.92
C LEU A 272 -29.41 -40.61 31.82
N ARG A 273 -29.31 -41.01 33.08
CA ARG A 273 -30.36 -40.74 34.06
C ARG A 273 -29.78 -40.77 35.46
N TRP A 274 -30.58 -40.36 36.45
CA TRP A 274 -30.17 -40.50 37.85
C TRP A 274 -30.85 -41.70 38.48
N ILE B 2 -14.96 1.54 26.56
CA ILE B 2 -15.94 0.76 27.30
C ILE B 2 -15.27 -0.27 28.20
N GLN B 3 -16.07 -0.93 29.03
CA GLN B 3 -15.57 -1.98 29.92
C GLN B 3 -16.53 -3.16 29.99
N LYS B 4 -15.98 -4.36 29.80
CA LYS B 4 -16.75 -5.59 29.87
C LYS B 4 -16.34 -6.41 31.09
N THR B 5 -17.33 -6.83 31.87
CA THR B 5 -17.06 -7.57 33.10
C THR B 5 -16.70 -9.04 32.82
N PRO B 6 -15.57 -9.50 33.38
CA PRO B 6 -15.13 -10.88 33.14
C PRO B 6 -16.09 -11.91 33.73
N GLN B 7 -16.34 -12.97 32.97
CA GLN B 7 -17.04 -14.14 33.48
C GLN B 7 -16.02 -15.15 33.96
N ILE B 8 -16.28 -15.74 35.12
CA ILE B 8 -15.30 -16.61 35.75
C ILE B 8 -15.88 -17.99 36.05
N GLN B 9 -15.28 -19.02 35.48
CA GLN B 9 -15.70 -20.39 35.71
C GLN B 9 -14.55 -21.22 36.25
N VAL B 10 -14.83 -21.98 37.32
CA VAL B 10 -13.81 -22.81 37.94
C VAL B 10 -14.24 -24.28 37.93
N TYR B 11 -13.39 -25.13 37.37
CA TYR B 11 -13.73 -26.54 37.19
C TYR B 11 -12.49 -27.42 37.11
N SER B 12 -12.66 -28.69 37.44
CA SER B 12 -11.57 -29.65 37.36
C SER B 12 -11.64 -30.44 36.07
N ARG B 13 -10.49 -30.95 35.62
CA ARG B 13 -10.43 -31.74 34.39
C ARG B 13 -11.19 -33.04 34.52
N HIS B 14 -11.05 -33.70 35.67
CA HIS B 14 -11.74 -34.94 35.94
C HIS B 14 -12.67 -34.79 37.15
N PRO B 15 -13.66 -35.67 37.29
CA PRO B 15 -14.48 -35.68 38.51
C PRO B 15 -13.60 -35.83 39.75
N PRO B 16 -13.75 -34.92 40.72
CA PRO B 16 -12.87 -34.86 41.90
C PRO B 16 -12.95 -36.09 42.79
N GLU B 17 -11.79 -36.62 43.16
CA GLU B 17 -11.69 -37.72 44.10
C GLU B 17 -10.59 -37.42 45.12
N ASN B 18 -10.89 -37.59 46.40
CA ASN B 18 -9.91 -37.31 47.44
C ASN B 18 -8.66 -38.17 47.32
N GLY B 19 -7.50 -37.53 47.35
CA GLY B 19 -6.23 -38.23 47.26
C GLY B 19 -5.79 -38.53 45.85
N LYS B 20 -6.63 -38.19 44.88
CA LYS B 20 -6.33 -38.42 43.47
C LYS B 20 -5.96 -37.12 42.76
N PRO B 21 -4.71 -37.04 42.26
CA PRO B 21 -4.20 -35.87 41.56
C PRO B 21 -5.09 -35.46 40.38
N ASN B 22 -5.28 -34.15 40.20
CA ASN B 22 -6.19 -33.63 39.19
C ASN B 22 -5.68 -32.31 38.65
N ILE B 23 -6.47 -31.69 37.78
CA ILE B 23 -6.14 -30.37 37.25
C ILE B 23 -7.32 -29.42 37.44
N LEU B 24 -7.06 -28.30 38.12
CA LEU B 24 -8.11 -27.30 38.34
C LEU B 24 -7.95 -26.14 37.37
N ASN B 25 -9.04 -25.75 36.74
CA ASN B 25 -9.00 -24.68 35.75
C ASN B 25 -9.76 -23.45 36.17
N CYS B 26 -9.21 -22.28 35.85
CA CYS B 26 -9.94 -21.03 36.01
C CYS B 26 -10.10 -20.39 34.64
N TYR B 27 -11.32 -20.37 34.14
CA TYR B 27 -11.59 -19.88 32.79
C TYR B 27 -12.25 -18.50 32.85
N VAL B 28 -11.49 -17.47 32.48
CA VAL B 28 -11.96 -16.09 32.56
C VAL B 28 -12.23 -15.53 31.17
N THR B 29 -13.49 -15.13 30.92
CA THR B 29 -13.88 -14.73 29.57
C THR B 29 -14.65 -13.41 29.51
N GLN B 30 -14.87 -12.95 28.28
CA GLN B 30 -15.77 -11.82 27.99
C GLN B 30 -15.40 -10.50 28.63
N PHE B 31 -14.12 -10.19 28.75
CA PHE B 31 -13.73 -8.94 29.39
C PHE B 31 -12.95 -8.00 28.48
N HIS B 32 -12.94 -6.73 28.88
CA HIS B 32 -12.22 -5.67 28.19
C HIS B 32 -12.11 -4.49 29.15
N PRO B 33 -10.94 -3.84 29.22
CA PRO B 33 -9.68 -4.01 28.49
C PRO B 33 -8.95 -5.31 28.82
N PRO B 34 -7.96 -5.71 28.01
CA PRO B 34 -7.26 -6.98 28.19
C PRO B 34 -6.44 -7.09 29.48
N HIS B 35 -6.05 -5.95 30.07
CA HIS B 35 -5.30 -6.01 31.32
C HIS B 35 -6.15 -6.62 32.42
N ILE B 36 -5.59 -7.62 33.09
CA ILE B 36 -6.33 -8.36 34.10
C ILE B 36 -5.37 -9.08 35.04
N GLU B 37 -5.81 -9.31 36.28
CA GLU B 37 -4.99 -10.02 37.25
C GLU B 37 -5.75 -11.23 37.80
N ILE B 38 -5.17 -12.40 37.63
CA ILE B 38 -5.83 -13.65 38.00
C ILE B 38 -4.99 -14.48 38.95
N GLN B 39 -5.60 -14.88 40.07
CA GLN B 39 -4.93 -15.73 41.05
C GLN B 39 -5.80 -16.92 41.44
N MET B 40 -5.20 -18.10 41.45
CA MET B 40 -5.89 -19.28 41.94
C MET B 40 -5.51 -19.53 43.39
N LEU B 41 -6.49 -19.80 44.24
CA LEU B 41 -6.27 -19.86 45.68
C LEU B 41 -6.49 -21.24 46.26
N LYS B 42 -5.64 -21.62 47.22
CA LYS B 42 -5.83 -22.83 48.01
C LYS B 42 -5.95 -22.45 49.48
N ASN B 43 -7.14 -22.63 50.03
CA ASN B 43 -7.45 -22.22 51.40
C ASN B 43 -7.15 -20.74 51.64
N GLY B 44 -7.46 -19.92 50.64
CA GLY B 44 -7.26 -18.48 50.74
C GLY B 44 -5.84 -18.05 50.44
N LYS B 45 -4.96 -19.01 50.15
CA LYS B 45 -3.57 -18.71 49.88
C LYS B 45 -3.25 -18.84 48.39
N LYS B 46 -2.41 -17.95 47.88
CA LYS B 46 -2.03 -17.97 46.47
C LYS B 46 -1.27 -19.24 46.12
N ILE B 47 -1.66 -19.88 45.03
CA ILE B 47 -0.97 -21.07 44.55
C ILE B 47 0.23 -20.65 43.71
N PRO B 48 1.44 -21.09 44.12
CA PRO B 48 2.71 -20.70 43.50
C PRO B 48 2.80 -20.98 42.01
N LYS B 49 2.95 -22.25 41.64
CA LYS B 49 3.11 -22.64 40.25
C LYS B 49 1.78 -22.72 39.52
N VAL B 50 1.32 -21.59 39.00
CA VAL B 50 0.09 -21.55 38.20
C VAL B 50 0.40 -21.17 36.76
N GLU B 51 0.04 -22.05 35.82
CA GLU B 51 0.23 -21.75 34.41
C GLU B 51 -0.94 -20.96 33.84
N MET B 52 -0.63 -20.02 32.97
CA MET B 52 -1.65 -19.13 32.42
C MET B 52 -1.38 -18.81 30.95
N SER B 53 -2.44 -18.82 30.14
CA SER B 53 -2.33 -18.50 28.73
C SER B 53 -2.06 -17.02 28.53
N ASP B 54 -1.62 -16.65 27.34
CA ASP B 54 -1.32 -15.26 27.04
C ASP B 54 -2.52 -14.55 26.45
N MET B 55 -2.40 -13.24 26.29
CA MET B 55 -3.49 -12.38 25.80
C MET B 55 -4.07 -12.91 24.49
N SER B 56 -5.36 -13.22 24.51
CA SER B 56 -6.07 -13.74 23.35
C SER B 56 -7.52 -13.26 23.39
N PHE B 57 -8.16 -13.20 22.22
CA PHE B 57 -9.56 -12.76 22.20
C PHE B 57 -10.41 -13.60 21.25
N SER B 58 -11.72 -13.54 21.46
CA SER B 58 -12.66 -14.32 20.67
C SER B 58 -13.19 -13.50 19.51
N LYS B 59 -14.08 -14.10 18.71
CA LYS B 59 -14.61 -13.46 17.51
C LYS B 59 -15.39 -12.18 17.83
N ASP B 60 -16.01 -12.13 19.01
CA ASP B 60 -16.79 -10.97 19.42
C ASP B 60 -15.91 -9.88 20.04
N TRP B 61 -14.60 -10.01 19.82
CA TRP B 61 -13.57 -9.05 20.26
C TRP B 61 -13.22 -9.14 21.75
N SER B 62 -14.04 -9.84 22.54
CA SER B 62 -13.79 -9.92 23.99
C SER B 62 -12.62 -10.85 24.29
N PHE B 63 -11.85 -10.52 25.33
CA PHE B 63 -10.65 -11.28 25.67
C PHE B 63 -10.93 -12.43 26.63
N TYR B 64 -10.02 -13.40 26.66
CA TYR B 64 -10.15 -14.53 27.56
C TYR B 64 -8.79 -15.06 28.02
N ILE B 65 -8.78 -15.70 29.18
CA ILE B 65 -7.58 -16.30 29.75
C ILE B 65 -7.92 -17.62 30.41
N LEU B 66 -7.11 -18.64 30.15
CA LEU B 66 -7.28 -19.93 30.83
C LEU B 66 -6.13 -20.19 31.78
N ALA B 67 -6.45 -20.29 33.06
CA ALA B 67 -5.45 -20.60 34.07
C ALA B 67 -5.68 -22.00 34.63
N HIS B 68 -4.60 -22.74 34.85
CA HIS B 68 -4.74 -24.08 35.37
C HIS B 68 -3.57 -24.45 36.29
N THR B 69 -3.80 -25.42 37.15
CA THR B 69 -2.78 -25.89 38.06
C THR B 69 -3.04 -27.33 38.49
N GLU B 70 -1.96 -28.05 38.80
CA GLU B 70 -2.07 -29.41 39.29
C GLU B 70 -2.34 -29.40 40.79
N PHE B 71 -3.28 -30.23 41.23
CA PHE B 71 -3.67 -30.25 42.64
C PHE B 71 -4.25 -31.61 43.03
N THR B 72 -4.26 -31.88 44.33
CA THR B 72 -4.84 -33.09 44.86
C THR B 72 -5.90 -32.75 45.90
N PRO B 73 -7.18 -32.98 45.57
CA PRO B 73 -8.31 -32.58 46.42
C PRO B 73 -8.40 -33.36 47.72
N THR B 74 -8.65 -32.65 48.82
CA THR B 74 -9.01 -33.28 50.08
C THR B 74 -10.35 -32.70 50.53
N GLU B 75 -10.98 -33.36 51.49
CA GLU B 75 -12.34 -32.98 51.89
C GLU B 75 -12.37 -31.67 52.67
N THR B 76 -11.22 -31.25 53.18
CA THR B 76 -11.13 -30.03 53.97
C THR B 76 -10.63 -28.84 53.16
N ASP B 77 -9.80 -29.11 52.15
CA ASP B 77 -9.22 -28.05 51.35
C ASP B 77 -10.26 -27.33 50.49
N THR B 78 -10.16 -26.02 50.44
CA THR B 78 -11.00 -25.21 49.56
C THR B 78 -10.15 -24.60 48.45
N TYR B 79 -10.75 -24.42 47.29
CA TYR B 79 -10.05 -23.80 46.16
C TYR B 79 -10.90 -22.71 45.54
N ALA B 80 -10.24 -21.66 45.04
CA ALA B 80 -10.95 -20.55 44.43
C ALA B 80 -10.09 -19.83 43.40
N CYS B 81 -10.73 -18.94 42.65
CA CYS B 81 -10.03 -18.11 41.67
C CYS B 81 -10.42 -16.66 41.88
N ARG B 82 -9.42 -15.81 42.16
CA ARG B 82 -9.67 -14.40 42.39
C ARG B 82 -9.21 -13.55 41.20
N VAL B 83 -10.10 -12.67 40.75
CA VAL B 83 -9.85 -11.87 39.55
C VAL B 83 -10.01 -10.38 39.83
N LYS B 84 -8.99 -9.60 39.44
CA LYS B 84 -9.06 -8.14 39.53
C LYS B 84 -9.10 -7.53 38.14
N HIS B 85 -10.13 -6.72 37.89
CA HIS B 85 -10.31 -6.08 36.60
C HIS B 85 -10.96 -4.71 36.77
N ALA B 86 -10.63 -3.79 35.87
CA ALA B 86 -11.09 -2.40 35.98
C ALA B 86 -12.61 -2.25 35.93
N SER B 87 -13.29 -3.27 35.39
CA SER B 87 -14.74 -3.22 35.26
C SER B 87 -15.45 -3.48 36.60
N MET B 88 -14.71 -3.98 37.57
CA MET B 88 -15.28 -4.33 38.87
C MET B 88 -14.70 -3.46 39.98
N ALA B 89 -15.57 -3.02 40.89
CA ALA B 89 -15.16 -2.14 41.99
C ALA B 89 -14.24 -2.85 42.97
N GLU B 90 -14.39 -4.17 43.05
CA GLU B 90 -13.59 -4.98 43.95
C GLU B 90 -13.24 -6.31 43.27
N PRO B 91 -12.13 -6.96 43.69
CA PRO B 91 -11.78 -8.26 43.14
C PRO B 91 -12.88 -9.29 43.36
N LYS B 92 -13.12 -10.15 42.37
CA LYS B 92 -14.15 -11.16 42.51
C LYS B 92 -13.54 -12.54 42.74
N THR B 93 -14.01 -13.20 43.79
CA THR B 93 -13.54 -14.54 44.12
C THR B 93 -14.62 -15.57 43.85
N VAL B 94 -14.33 -16.51 42.95
CA VAL B 94 -15.23 -17.60 42.66
C VAL B 94 -14.68 -18.91 43.22
N TYR B 95 -15.45 -19.54 44.10
CA TYR B 95 -15.01 -20.78 44.74
C TYR B 95 -15.32 -22.00 43.89
N TRP B 96 -14.39 -22.94 43.87
CA TRP B 96 -14.60 -24.21 43.19
C TRP B 96 -15.62 -25.05 43.95
N ASP B 97 -16.72 -25.39 43.28
CA ASP B 97 -17.74 -26.24 43.87
C ASP B 97 -17.59 -27.67 43.35
N ARG B 98 -17.01 -28.53 44.18
CA ARG B 98 -16.72 -29.90 43.77
C ARG B 98 -17.96 -30.78 43.72
N ASP B 99 -19.04 -30.32 44.36
CA ASP B 99 -20.26 -31.11 44.43
C ASP B 99 -21.14 -30.97 43.19
N MET B 100 -20.88 -29.94 42.38
CA MET B 100 -21.68 -29.69 41.19
C MET B 100 -21.58 -30.83 40.18
N GLN C 1 18.48 -4.43 -10.88
CA GLN C 1 18.89 -5.77 -10.48
C GLN C 1 17.69 -6.61 -10.07
N GLN C 2 16.98 -6.15 -9.05
CA GLN C 2 15.82 -6.88 -8.53
C GLN C 2 14.64 -6.78 -9.49
N VAL C 3 14.47 -5.63 -10.12
CA VAL C 3 13.44 -5.44 -11.14
C VAL C 3 14.09 -4.94 -12.42
N ARG C 4 14.02 -5.74 -13.47
CA ARG C 4 14.73 -5.45 -14.70
C ARG C 4 13.79 -5.30 -15.89
N GLN C 5 13.73 -4.09 -16.44
CA GLN C 5 12.90 -3.81 -17.60
C GLN C 5 13.69 -3.87 -18.90
N SER C 6 13.00 -4.21 -19.99
CA SER C 6 13.61 -4.24 -21.31
C SER C 6 12.54 -4.03 -22.37
N PRO C 7 12.90 -3.36 -23.48
CA PRO C 7 14.21 -2.74 -23.71
C PRO C 7 14.35 -1.41 -23.00
N GLN C 8 15.52 -0.79 -23.10
CA GLN C 8 15.72 0.55 -22.54
C GLN C 8 14.86 1.54 -23.31
N SER C 9 14.84 1.39 -24.64
CA SER C 9 14.05 2.24 -25.49
C SER C 9 13.32 1.41 -26.54
N LEU C 10 12.04 1.69 -26.73
CA LEU C 10 11.23 0.96 -27.70
C LEU C 10 10.56 1.91 -28.67
N THR C 11 10.67 1.61 -29.96
CA THR C 11 10.04 2.41 -30.99
C THR C 11 9.07 1.58 -31.81
N VAL C 12 7.79 1.93 -31.76
CA VAL C 12 6.77 1.26 -32.55
C VAL C 12 6.06 2.26 -33.44
N TRP C 13 5.32 1.77 -34.42
CA TRP C 13 4.49 2.62 -35.26
C TRP C 13 3.06 2.63 -34.70
N GLU C 14 2.34 3.72 -34.90
CA GLU C 14 1.00 3.85 -34.33
C GLU C 14 0.06 2.80 -34.91
N GLY C 15 -0.84 2.29 -34.06
CA GLY C 15 -1.75 1.23 -34.46
C GLY C 15 -1.21 -0.14 -34.07
N GLU C 16 0.10 -0.22 -33.89
CA GLU C 16 0.75 -1.46 -33.47
C GLU C 16 0.67 -1.65 -31.96
N THR C 17 0.76 -2.90 -31.52
CA THR C 17 0.76 -3.20 -30.10
C THR C 17 2.16 -3.09 -29.52
N ALA C 18 2.33 -2.16 -28.58
CA ALA C 18 3.60 -1.99 -27.90
C ALA C 18 3.72 -2.96 -26.73
N ILE C 19 4.85 -3.65 -26.65
CA ILE C 19 5.06 -4.62 -25.57
C ILE C 19 6.30 -4.30 -24.76
N LEU C 20 6.08 -3.99 -23.49
CA LEU C 20 7.17 -3.61 -22.60
C LEU C 20 7.42 -4.72 -21.58
N ASN C 21 8.63 -5.25 -21.56
CA ASN C 21 8.92 -6.42 -20.74
C ASN C 21 9.55 -6.09 -19.40
N CYS C 22 9.41 -7.01 -18.46
CA CYS C 22 10.00 -6.87 -17.14
C CYS C 22 10.13 -8.22 -16.46
N SER C 23 11.27 -8.45 -15.82
CA SER C 23 11.49 -9.66 -15.04
C SER C 23 11.98 -9.27 -13.65
N TYR C 24 11.69 -10.12 -12.67
CA TYR C 24 12.09 -9.86 -11.30
C TYR C 24 12.76 -11.08 -10.67
N GLU C 25 13.51 -10.86 -9.60
CA GLU C 25 14.27 -11.93 -8.98
C GLU C 25 13.61 -12.45 -7.70
N ASN C 26 13.08 -11.53 -6.90
CA ASN C 26 12.47 -11.88 -5.62
C ASN C 26 11.10 -12.54 -5.81
N SER C 27 11.01 -13.82 -5.46
CA SER C 27 9.78 -14.58 -5.62
C SER C 27 8.68 -14.11 -4.65
N ALA C 28 9.08 -13.32 -3.67
CA ALA C 28 8.14 -12.82 -2.67
C ALA C 28 7.36 -11.60 -3.15
N PHE C 29 7.76 -11.06 -4.30
CA PHE C 29 7.04 -9.96 -4.93
C PHE C 29 5.64 -10.40 -5.32
N ASP C 30 4.63 -9.61 -4.94
CA ASP C 30 3.24 -9.99 -5.23
C ASP C 30 2.40 -8.82 -5.75
N TYR C 31 3.00 -7.64 -5.84
CA TYR C 31 2.31 -6.44 -6.28
C TYR C 31 3.15 -5.72 -7.33
N PHE C 32 2.57 -5.50 -8.51
CA PHE C 32 3.33 -4.97 -9.64
C PHE C 32 2.61 -3.81 -10.34
N PRO C 33 2.84 -2.59 -9.86
CA PRO C 33 2.25 -1.40 -10.47
C PRO C 33 3.11 -0.86 -11.62
N TRP C 34 2.45 -0.37 -12.67
CA TRP C 34 3.14 0.28 -13.77
C TRP C 34 2.85 1.78 -13.75
N TYR C 35 3.89 2.59 -13.85
CA TYR C 35 3.73 4.03 -13.83
C TYR C 35 4.10 4.66 -15.17
N GLN C 36 3.27 5.59 -15.61
CA GLN C 36 3.49 6.32 -16.86
C GLN C 36 4.00 7.73 -16.53
N GLN C 37 5.11 8.11 -17.15
CA GLN C 37 5.66 9.44 -16.92
C GLN C 37 5.88 10.19 -18.24
N PHE C 38 5.11 11.25 -18.44
CA PHE C 38 5.31 12.13 -19.58
C PHE C 38 6.42 13.12 -19.27
N PRO C 39 7.15 13.57 -20.31
CA PRO C 39 8.26 14.52 -20.10
C PRO C 39 7.81 15.80 -19.41
N GLY C 40 8.57 16.20 -18.39
CA GLY C 40 8.27 17.42 -17.65
C GLY C 40 7.25 17.22 -16.55
N GLU C 41 6.82 15.98 -16.36
CA GLU C 41 5.83 15.67 -15.35
C GLU C 41 6.28 14.55 -14.42
N GLY C 42 5.55 14.37 -13.33
CA GLY C 42 5.82 13.29 -12.41
C GLY C 42 5.15 12.01 -12.86
N PRO C 43 5.66 10.86 -12.42
CA PRO C 43 5.06 9.56 -12.76
C PRO C 43 3.64 9.45 -12.22
N ALA C 44 2.80 8.69 -12.90
CA ALA C 44 1.43 8.46 -12.45
C ALA C 44 1.06 7.00 -12.63
N LEU C 45 0.33 6.44 -11.67
CA LEU C 45 -0.08 5.04 -11.75
C LEU C 45 -0.94 4.80 -12.98
N LEU C 46 -0.50 3.86 -13.82
CA LEU C 46 -1.21 3.53 -15.04
C LEU C 46 -2.12 2.33 -14.81
N ILE C 47 -1.53 1.26 -14.31
CA ILE C 47 -2.22 -0.01 -14.13
C ILE C 47 -1.36 -0.92 -13.25
N SER C 48 -2.00 -1.78 -12.46
CA SER C 48 -1.28 -2.68 -11.58
C SER C 48 -1.88 -4.08 -11.58
N ILE C 49 -1.12 -5.06 -11.15
CA ILE C 49 -1.61 -6.43 -11.06
C ILE C 49 -1.08 -7.11 -9.81
N LEU C 50 -1.85 -8.08 -9.30
CA LEU C 50 -1.41 -8.91 -8.19
C LEU C 50 -0.92 -10.24 -8.74
N SER C 51 0.02 -10.87 -8.04
CA SER C 51 0.70 -12.07 -8.54
C SER C 51 -0.20 -13.29 -8.67
N VAL C 52 -1.43 -13.17 -8.16
CA VAL C 52 -2.38 -14.27 -8.22
C VAL C 52 -3.16 -14.22 -9.53
N SER C 53 -2.96 -13.15 -10.30
CA SER C 53 -3.61 -13.00 -11.60
C SER C 53 -2.62 -13.21 -12.74
N ASN C 54 -3.13 -13.66 -13.88
CA ASN C 54 -2.29 -13.82 -15.06
C ASN C 54 -2.53 -12.71 -16.09
N LYS C 55 -3.59 -11.92 -15.86
CA LYS C 55 -3.98 -10.88 -16.79
C LYS C 55 -4.74 -9.75 -16.09
N LYS C 56 -4.42 -8.52 -16.47
CA LYS C 56 -5.14 -7.35 -15.95
C LYS C 56 -5.36 -6.35 -17.08
N GLU C 57 -6.63 -6.12 -17.43
CA GLU C 57 -6.95 -5.29 -18.57
C GLU C 57 -7.69 -4.00 -18.17
N ASP C 58 -7.24 -2.89 -18.72
CA ASP C 58 -7.89 -1.59 -18.50
C ASP C 58 -7.78 -0.74 -19.75
N GLY C 59 -8.83 -0.75 -20.56
CA GLY C 59 -8.82 -0.03 -21.82
C GLY C 59 -7.85 -0.65 -22.79
N ARG C 60 -6.94 0.17 -23.33
CA ARG C 60 -5.96 -0.31 -24.29
C ARG C 60 -4.74 -0.93 -23.61
N PHE C 61 -4.72 -0.89 -22.28
CA PHE C 61 -3.57 -1.37 -21.53
C PHE C 61 -3.84 -2.69 -20.84
N THR C 62 -2.90 -3.63 -21.00
CA THR C 62 -3.02 -4.95 -20.41
C THR C 62 -1.71 -5.42 -19.81
N ILE C 63 -1.75 -5.88 -18.57
CA ILE C 63 -0.60 -6.54 -17.96
C ILE C 63 -0.78 -8.05 -18.03
N PHE C 64 0.21 -8.74 -18.59
CA PHE C 64 0.24 -10.20 -18.55
C PHE C 64 1.29 -10.64 -17.56
N PHE C 65 0.97 -11.64 -16.75
CA PHE C 65 1.84 -12.03 -15.65
C PHE C 65 2.12 -13.53 -15.63
N ASN C 66 3.40 -13.88 -15.51
CA ASN C 66 3.83 -15.27 -15.41
C ASN C 66 4.63 -15.48 -14.13
N LYS C 67 3.97 -16.00 -13.09
CA LYS C 67 4.59 -16.13 -11.77
C LYS C 67 5.75 -17.11 -11.74
N ARG C 68 5.60 -18.22 -12.46
CA ARG C 68 6.62 -19.27 -12.45
C ARG C 68 7.93 -18.79 -13.08
N GLU C 69 7.83 -18.03 -14.16
CA GLU C 69 9.01 -17.53 -14.86
C GLU C 69 9.49 -16.21 -14.28
N LYS C 70 8.75 -15.70 -13.29
CA LYS C 70 9.03 -14.40 -12.68
C LYS C 70 9.13 -13.32 -13.75
N LYS C 71 8.14 -13.29 -14.63
CA LYS C 71 8.13 -12.36 -15.76
C LYS C 71 6.74 -11.76 -15.97
N LEU C 72 6.71 -10.52 -16.42
CA LEU C 72 5.46 -9.88 -16.80
C LEU C 72 5.69 -8.89 -17.95
N SER C 73 4.61 -8.41 -18.54
CA SER C 73 4.72 -7.44 -19.62
C SER C 73 3.51 -6.52 -19.68
N LEU C 74 3.75 -5.29 -20.09
CA LEU C 74 2.67 -4.35 -20.35
C LEU C 74 2.41 -4.28 -21.85
N HIS C 75 1.17 -4.57 -22.24
CA HIS C 75 0.79 -4.49 -23.63
C HIS C 75 -0.08 -3.26 -23.88
N ILE C 76 0.36 -2.41 -24.81
CA ILE C 76 -0.42 -1.24 -25.19
C ILE C 76 -1.01 -1.46 -26.57
N ALA C 77 -2.32 -1.72 -26.61
CA ALA C 77 -3.01 -1.99 -27.87
C ALA C 77 -3.31 -0.68 -28.61
N ASP C 78 -3.25 -0.75 -29.94
CA ASP C 78 -3.58 0.38 -30.80
C ASP C 78 -2.84 1.64 -30.37
N SER C 79 -1.52 1.55 -30.27
CA SER C 79 -0.71 2.62 -29.70
C SER C 79 -0.79 3.92 -30.50
N GLN C 80 -0.76 5.03 -29.77
CA GLN C 80 -0.82 6.36 -30.38
C GLN C 80 0.44 7.13 -30.03
N PRO C 81 0.79 8.14 -30.85
CA PRO C 81 1.93 9.01 -30.55
C PRO C 81 1.82 9.64 -29.18
N GLY C 82 0.60 9.85 -28.69
CA GLY C 82 0.37 10.39 -27.37
C GLY C 82 0.76 9.45 -26.25
N ASP C 83 0.99 8.18 -26.58
CA ASP C 83 1.43 7.20 -25.60
C ASP C 83 2.94 7.28 -25.37
N SER C 84 3.62 8.08 -26.19
CA SER C 84 5.05 8.26 -26.07
C SER C 84 5.39 8.80 -24.68
N ALA C 85 6.08 7.97 -23.90
CA ALA C 85 6.40 8.31 -22.52
C ALA C 85 7.42 7.31 -21.96
N THR C 86 7.85 7.55 -20.72
CA THR C 86 8.68 6.59 -20.02
C THR C 86 7.80 5.76 -19.09
N TYR C 87 7.88 4.43 -19.24
CA TYR C 87 7.05 3.53 -18.44
C TYR C 87 7.90 2.78 -17.41
N PHE C 88 7.52 2.91 -16.15
CA PHE C 88 8.22 2.23 -15.07
C PHE C 88 7.41 1.05 -14.56
N CYS C 89 8.07 -0.08 -14.39
CA CYS C 89 7.47 -1.21 -13.68
C CYS C 89 8.09 -1.30 -12.31
N ALA C 90 7.26 -1.47 -11.29
CA ALA C 90 7.77 -1.58 -9.93
C ALA C 90 7.22 -2.84 -9.28
N ALA C 91 7.76 -3.16 -8.11
CA ALA C 91 7.36 -4.36 -7.40
C ALA C 91 7.61 -4.20 -5.91
N SER C 92 6.86 -4.95 -5.11
CA SER C 92 7.07 -4.97 -3.67
C SER C 92 6.53 -6.26 -3.07
N ALA C 93 7.14 -6.68 -1.98
CA ALA C 93 6.60 -7.77 -1.18
C ALA C 93 5.62 -7.17 -0.18
N SER C 94 4.34 -7.29 -0.49
CA SER C 94 3.29 -6.61 0.27
C SER C 94 3.19 -7.09 1.71
N PHE C 95 3.70 -8.29 1.97
CA PHE C 95 3.66 -8.84 3.32
C PHE C 95 5.03 -8.75 3.99
N GLY C 96 5.88 -7.87 3.45
CA GLY C 96 7.21 -7.65 4.01
C GLY C 96 7.20 -6.68 5.18
N ASP C 97 8.36 -6.17 5.55
CA ASP C 97 8.46 -5.33 6.75
C ASP C 97 8.70 -3.85 6.46
N ASN C 98 8.59 -3.44 5.20
CA ASN C 98 8.73 -2.03 4.85
C ASN C 98 7.78 -1.63 3.74
N SER C 99 7.59 -0.33 3.55
CA SER C 99 6.67 0.18 2.53
C SER C 99 7.42 0.73 1.32
N LYS C 100 8.65 0.25 1.11
CA LYS C 100 9.44 0.68 -0.03
C LYS C 100 9.05 -0.06 -1.30
N LEU C 101 8.94 0.69 -2.40
CA LEU C 101 8.64 0.11 -3.69
C LEU C 101 9.95 -0.05 -4.48
N ILE C 102 10.15 -1.22 -5.08
CA ILE C 102 11.36 -1.47 -5.85
C ILE C 102 11.13 -1.16 -7.32
N TRP C 103 11.85 -0.16 -7.84
CA TRP C 103 11.59 0.36 -9.17
C TRP C 103 12.48 -0.24 -10.26
N GLY C 104 11.89 -0.50 -11.42
CA GLY C 104 12.66 -0.78 -12.61
C GLY C 104 13.22 0.53 -13.12
N LEU C 105 14.19 0.48 -14.02
CA LEU C 105 14.84 1.70 -14.50
C LEU C 105 14.05 2.37 -15.62
N GLY C 106 12.95 1.76 -16.03
CA GLY C 106 12.05 2.38 -16.98
C GLY C 106 12.33 2.06 -18.43
N THR C 107 11.28 2.13 -19.24
CA THR C 107 11.40 1.98 -20.69
C THR C 107 10.79 3.19 -21.38
N SER C 108 11.59 3.88 -22.17
CA SER C 108 11.10 5.03 -22.93
C SER C 108 10.44 4.53 -24.21
N LEU C 109 9.16 4.85 -24.39
CA LEU C 109 8.40 4.43 -25.55
C LEU C 109 8.25 5.56 -26.56
N VAL C 110 8.53 5.26 -27.81
CA VAL C 110 8.29 6.20 -28.90
C VAL C 110 7.33 5.59 -29.91
N VAL C 111 6.20 6.24 -30.13
CA VAL C 111 5.22 5.76 -31.09
C VAL C 111 5.23 6.62 -32.34
N ASN C 112 5.80 6.09 -33.42
CA ASN C 112 5.91 6.81 -34.68
C ASN C 112 4.55 7.01 -35.35
N PRO C 113 4.33 8.17 -35.96
CA PRO C 113 3.11 8.36 -36.76
C PRO C 113 3.22 7.64 -38.10
N ASN C 114 2.09 7.16 -38.61
CA ASN C 114 2.04 6.56 -39.94
C ASN C 114 2.09 7.64 -41.01
N ILE C 115 3.26 7.81 -41.62
CA ILE C 115 3.42 8.80 -42.68
C ILE C 115 3.17 8.16 -44.05
N GLN C 116 1.97 8.38 -44.56
CA GLN C 116 1.63 7.93 -45.90
C GLN C 116 1.98 9.00 -46.93
N ASN C 117 2.64 8.59 -48.00
CA ASN C 117 3.14 9.50 -49.02
C ASN C 117 4.03 10.60 -48.44
N PRO C 118 5.24 10.22 -47.99
CA PRO C 118 6.15 11.22 -47.41
C PRO C 118 6.71 12.17 -48.46
N GLU C 119 6.68 13.46 -48.18
CA GLU C 119 7.22 14.46 -49.08
C GLU C 119 8.25 15.34 -48.37
N PRO C 120 9.44 14.79 -48.10
CA PRO C 120 10.46 15.49 -47.31
C PRO C 120 11.08 16.67 -48.06
N ALA C 121 11.18 17.80 -47.36
CA ALA C 121 11.74 19.02 -47.93
C ALA C 121 12.42 19.85 -46.85
N VAL C 122 13.30 20.76 -47.27
CA VAL C 122 13.99 21.65 -46.34
C VAL C 122 13.68 23.10 -46.68
N TYR C 123 13.07 23.81 -45.72
CA TYR C 123 12.73 25.21 -45.93
C TYR C 123 13.59 26.14 -45.09
N GLN C 124 13.95 27.29 -45.65
CA GLN C 124 14.68 28.31 -44.92
C GLN C 124 13.72 29.40 -44.45
N LEU C 125 13.65 29.59 -43.13
CA LEU C 125 12.76 30.60 -42.56
C LEU C 125 13.57 31.83 -42.18
N LYS C 126 12.91 33.00 -42.18
CA LYS C 126 13.60 34.25 -41.88
C LYS C 126 12.92 34.99 -40.74
N ASP C 127 13.72 35.67 -39.91
CA ASP C 127 13.20 36.43 -38.79
C ASP C 127 13.39 37.93 -39.02
N PRO C 128 12.56 38.76 -38.37
CA PRO C 128 12.66 40.22 -38.46
C PRO C 128 13.99 40.78 -37.94
N ARG C 129 15.09 40.11 -38.26
CA ARG C 129 16.42 40.55 -37.91
C ARG C 129 17.30 40.55 -39.15
N SER C 130 18.58 40.87 -39.00
CA SER C 130 19.50 40.86 -40.12
C SER C 130 20.42 39.64 -40.08
N GLN C 131 21.14 39.49 -38.98
CA GLN C 131 22.09 38.40 -38.83
C GLN C 131 21.36 37.06 -38.85
N ASP C 132 22.15 35.99 -38.88
CA ASP C 132 21.72 34.65 -39.29
C ASP C 132 20.24 34.32 -39.20
N SER C 133 19.58 34.24 -40.34
CA SER C 133 18.24 33.69 -40.37
C SER C 133 18.29 32.31 -41.00
N THR C 134 19.45 31.68 -40.95
CA THR C 134 19.56 30.31 -41.46
C THR C 134 18.90 29.35 -40.49
N LEU C 135 17.57 29.39 -40.46
CA LEU C 135 16.80 28.43 -39.69
C LEU C 135 16.22 27.39 -40.64
N CYS C 136 16.91 26.27 -40.77
CA CYS C 136 16.48 25.22 -41.68
C CYS C 136 15.37 24.39 -41.06
N LEU C 137 14.31 24.18 -41.83
CA LEU C 137 13.19 23.37 -41.37
C LEU C 137 13.04 22.12 -42.22
N PHE C 138 13.52 21.01 -41.68
CA PHE C 138 13.35 19.70 -42.31
C PHE C 138 12.04 19.11 -41.83
N THR C 139 11.10 18.91 -42.75
CA THR C 139 9.77 18.45 -42.37
C THR C 139 9.18 17.45 -43.36
N ASP C 140 8.16 16.74 -42.90
CA ASP C 140 7.39 15.80 -43.72
C ASP C 140 8.25 14.67 -44.30
N PHE C 141 9.24 14.23 -43.53
CA PHE C 141 10.03 13.07 -43.91
C PHE C 141 9.47 11.83 -43.23
N ASP C 142 9.87 10.66 -43.72
CA ASP C 142 9.36 9.39 -43.20
C ASP C 142 9.93 9.10 -41.81
N SER C 143 9.23 8.28 -41.04
CA SER C 143 9.52 8.09 -39.63
C SER C 143 10.74 7.23 -39.34
N GLN C 144 11.27 6.54 -40.36
CA GLN C 144 12.42 5.67 -40.14
C GLN C 144 13.73 6.36 -40.49
N ILE C 145 13.63 7.55 -41.07
CA ILE C 145 14.82 8.33 -41.42
C ILE C 145 15.56 8.78 -40.17
N ASN C 146 16.88 8.60 -40.16
CA ASN C 146 17.71 9.12 -39.09
C ASN C 146 18.15 10.55 -39.38
N VAL C 147 17.65 11.49 -38.58
CA VAL C 147 18.02 12.89 -38.74
C VAL C 147 19.49 13.08 -38.44
N PRO C 148 20.25 13.56 -39.45
CA PRO C 148 21.71 13.73 -39.34
C PRO C 148 22.12 14.71 -38.25
N LYS C 149 23.30 14.47 -37.68
CA LYS C 149 23.88 15.37 -36.69
C LYS C 149 25.07 16.12 -37.28
N THR C 150 25.52 17.17 -36.59
CA THR C 150 26.63 17.96 -37.08
C THR C 150 27.74 18.12 -36.06
N MET C 151 28.97 18.23 -36.53
CA MET C 151 30.13 18.48 -35.68
C MET C 151 30.71 19.87 -35.92
N GLU C 152 30.19 20.55 -36.94
CA GLU C 152 30.64 21.89 -37.27
C GLU C 152 30.35 22.87 -36.14
N SER C 153 31.26 23.82 -35.93
CA SER C 153 31.12 24.79 -34.86
C SER C 153 30.01 25.81 -35.17
N GLY C 154 29.21 26.13 -34.15
CA GLY C 154 28.14 27.09 -34.30
C GLY C 154 26.88 26.50 -34.92
N THR C 155 27.04 25.36 -35.60
CA THR C 155 25.94 24.70 -36.27
C THR C 155 25.32 23.62 -35.40
N PHE C 156 23.99 23.52 -35.40
CA PHE C 156 23.33 22.51 -34.60
C PHE C 156 22.03 22.02 -35.25
N ILE C 157 21.77 20.72 -35.12
CA ILE C 157 20.55 20.11 -35.63
C ILE C 157 19.79 19.42 -34.49
N THR C 158 18.53 19.80 -34.31
CA THR C 158 17.71 19.24 -33.23
C THR C 158 17.24 17.83 -33.54
N ASP C 159 16.82 17.11 -32.50
CA ASP C 159 16.23 15.79 -32.67
C ASP C 159 14.90 15.89 -33.40
N LYS C 160 14.46 14.77 -33.97
CA LYS C 160 13.17 14.71 -34.64
C LYS C 160 12.04 15.02 -33.65
N CYS C 161 11.05 15.79 -34.10
CA CYS C 161 9.96 16.20 -33.23
C CYS C 161 8.62 16.05 -33.96
N VAL C 162 7.73 15.23 -33.41
CA VAL C 162 6.44 14.94 -34.03
C VAL C 162 5.34 15.86 -33.52
N LEU C 163 4.66 16.54 -34.43
CA LEU C 163 3.54 17.40 -34.04
C LEU C 163 2.22 16.84 -34.54
N ASP C 164 1.15 17.12 -33.80
CA ASP C 164 -0.17 16.61 -34.14
C ASP C 164 -1.15 17.76 -34.38
N MET C 165 -1.43 18.03 -35.64
CA MET C 165 -2.50 18.95 -35.99
C MET C 165 -3.84 18.24 -35.81
N LYS C 166 -4.43 18.41 -34.63
CA LYS C 166 -5.65 17.69 -34.28
C LYS C 166 -6.79 18.05 -35.21
N ALA C 167 -6.99 19.35 -35.45
CA ALA C 167 -7.86 19.77 -36.53
C ALA C 167 -7.14 19.40 -37.84
N MET C 168 -7.92 19.05 -38.86
CA MET C 168 -7.42 18.57 -40.15
C MET C 168 -6.85 17.15 -40.04
N ASP C 169 -6.61 16.70 -38.81
CA ASP C 169 -6.16 15.34 -38.53
C ASP C 169 -4.90 14.96 -39.30
N SER C 170 -3.75 15.52 -38.88
CA SER C 170 -2.50 15.28 -39.58
C SER C 170 -1.30 15.32 -38.63
N LYS C 171 -0.46 14.29 -38.73
CA LYS C 171 0.77 14.22 -37.94
C LYS C 171 1.97 14.24 -38.88
N SER C 172 3.02 14.94 -38.50
CA SER C 172 4.21 15.06 -39.34
C SER C 172 5.50 15.13 -38.52
N ASN C 173 6.58 14.68 -39.13
CA ASN C 173 7.90 14.74 -38.50
C ASN C 173 8.60 16.06 -38.82
N GLY C 174 9.45 16.50 -37.91
CA GLY C 174 10.14 17.77 -38.08
C GLY C 174 11.48 17.84 -37.38
N ALA C 175 12.37 18.64 -37.94
CA ALA C 175 13.69 18.87 -37.35
C ALA C 175 14.18 20.27 -37.74
N ILE C 176 14.82 20.95 -36.79
CA ILE C 176 15.26 22.32 -37.01
C ILE C 176 16.77 22.44 -36.89
N ALA C 177 17.38 23.23 -37.77
CA ALA C 177 18.82 23.45 -37.73
C ALA C 177 19.15 24.94 -37.84
N TRP C 178 20.23 25.34 -37.19
CA TRP C 178 20.72 26.71 -37.29
C TRP C 178 22.23 26.75 -37.12
N SER C 179 22.83 27.87 -37.48
CA SER C 179 24.28 28.01 -37.43
C SER C 179 24.68 29.47 -37.50
N ASN C 180 25.71 29.87 -36.76
CA ASN C 180 26.20 31.24 -36.86
C ASN C 180 26.96 31.48 -38.16
N GLN C 181 27.10 30.43 -38.96
CA GLN C 181 27.77 30.52 -40.25
C GLN C 181 26.79 30.42 -41.41
N THR C 182 26.47 31.57 -42.01
CA THR C 182 25.64 31.61 -43.20
C THR C 182 26.51 31.23 -44.41
N SER C 183 27.80 31.02 -44.14
CA SER C 183 28.70 30.43 -45.13
C SER C 183 28.14 29.11 -45.62
N PHE C 184 27.47 28.39 -44.72
CA PHE C 184 26.69 27.22 -45.08
C PHE C 184 25.27 27.63 -45.46
N THR C 185 24.68 26.92 -46.42
CA THR C 185 23.26 27.07 -46.72
C THR C 185 22.50 26.06 -45.86
N CYS C 186 21.28 25.71 -46.27
CA CYS C 186 20.50 24.74 -45.52
C CYS C 186 20.61 23.33 -46.11
N GLN C 187 21.05 23.24 -47.36
CA GLN C 187 21.11 21.94 -48.04
C GLN C 187 22.43 21.23 -47.74
N ASP C 188 23.45 21.99 -47.38
CA ASP C 188 24.74 21.41 -47.00
C ASP C 188 24.60 20.72 -45.64
N ILE C 189 23.74 21.27 -44.81
CA ILE C 189 23.55 20.78 -43.45
C ILE C 189 22.90 19.40 -43.42
N PHE C 190 21.85 19.22 -44.22
CA PHE C 190 21.15 17.94 -44.28
C PHE C 190 21.57 17.13 -45.52
N LYS C 191 20.93 15.99 -45.70
CA LYS C 191 21.20 15.13 -46.86
C LYS C 191 20.11 14.08 -47.02
N GLU C 192 18.91 14.53 -47.40
CA GLU C 192 17.78 13.62 -47.57
C GLU C 192 17.07 13.87 -48.88
N THR C 193 16.15 14.82 -48.88
CA THR C 193 15.39 15.17 -50.07
C THR C 193 15.03 16.67 -50.05
N ASN C 194 14.27 17.09 -51.06
CA ASN C 194 13.87 18.49 -51.18
C ASN C 194 12.39 18.62 -51.51
N MET D 1 -6.86 15.60 -3.94
CA MET D 1 -6.32 14.26 -4.19
C MET D 1 -5.03 14.34 -4.99
N LYS D 2 -4.05 15.04 -4.45
CA LYS D 2 -2.79 15.25 -5.14
C LYS D 2 -1.67 15.68 -4.20
N VAL D 3 -0.45 15.59 -4.69
CA VAL D 3 0.72 16.04 -3.96
C VAL D 3 1.20 17.36 -4.55
N THR D 4 1.42 18.36 -3.69
CA THR D 4 1.87 19.67 -4.17
C THR D 4 3.29 19.96 -3.71
N GLN D 5 4.09 20.43 -4.66
CA GLN D 5 5.53 20.61 -4.45
C GLN D 5 5.95 22.06 -4.73
N MET D 6 6.71 22.65 -3.83
CA MET D 6 7.21 24.02 -4.00
C MET D 6 8.63 24.20 -3.45
N PRO D 7 9.47 24.94 -4.20
CA PRO D 7 9.15 25.53 -5.50
C PRO D 7 9.32 24.54 -6.65
N ARG D 8 8.87 24.93 -7.84
CA ARG D 8 8.98 24.09 -9.03
C ARG D 8 10.39 24.17 -9.62
N TYR D 9 10.95 25.37 -9.63
CA TYR D 9 12.32 25.59 -10.09
C TYR D 9 13.12 26.31 -9.02
N LEU D 10 14.41 26.00 -8.94
CA LEU D 10 15.26 26.63 -7.94
C LEU D 10 16.72 26.67 -8.38
N ILE D 11 17.37 27.80 -8.11
CA ILE D 11 18.79 27.98 -8.40
C ILE D 11 19.54 28.31 -7.11
N LYS D 12 20.56 27.54 -6.80
CA LYS D 12 21.35 27.76 -5.59
C LYS D 12 22.84 27.70 -5.87
N ARG D 13 23.61 28.53 -5.18
CA ARG D 13 25.05 28.46 -5.22
C ARG D 13 25.51 27.26 -4.40
N MET D 14 26.61 26.64 -4.79
CA MET D 14 27.15 25.52 -4.02
C MET D 14 27.52 25.99 -2.62
N GLY D 15 27.28 25.15 -1.62
CA GLY D 15 27.57 25.48 -0.24
C GLY D 15 26.37 26.03 0.50
N GLU D 16 25.43 26.61 -0.23
CA GLU D 16 24.23 27.17 0.38
C GLU D 16 23.27 26.06 0.83
N ASN D 17 22.36 26.42 1.73
CA ASN D 17 21.37 25.47 2.22
C ASN D 17 20.11 25.49 1.37
N VAL D 18 19.50 24.31 1.18
CA VAL D 18 18.34 24.17 0.32
C VAL D 18 17.17 23.55 1.08
N LEU D 19 15.98 24.11 0.87
CA LEU D 19 14.76 23.57 1.47
C LEU D 19 13.68 23.38 0.43
N LEU D 20 13.28 22.13 0.21
CA LEU D 20 12.15 21.82 -0.66
C LEU D 20 10.97 21.40 0.21
N GLU D 21 9.80 21.97 -0.07
CA GLU D 21 8.62 21.66 0.72
C GLU D 21 7.59 20.89 -0.08
N CYS D 22 6.75 20.14 0.63
CA CYS D 22 5.78 19.26 -0.01
C CYS D 22 4.54 19.09 0.85
N GLY D 23 3.39 18.98 0.22
CA GLY D 23 2.14 18.75 0.92
C GLY D 23 1.22 17.80 0.20
N GLN D 24 0.41 17.06 0.96
CA GLN D 24 -0.59 16.17 0.37
C GLN D 24 -1.88 16.23 1.16
N ASP D 25 -3.00 16.06 0.47
CA ASP D 25 -4.33 16.25 1.07
C ASP D 25 -5.12 14.95 1.19
N MET D 26 -4.43 13.82 1.21
CA MET D 26 -5.10 12.53 1.14
C MET D 26 -5.01 11.75 2.46
N SER D 27 -4.52 12.42 3.49
CA SER D 27 -4.34 11.80 4.81
C SER D 27 -3.45 10.56 4.74
N HIS D 28 -2.47 10.59 3.85
CA HIS D 28 -1.52 9.49 3.72
C HIS D 28 -0.46 9.57 4.81
N GLU D 29 -0.15 8.43 5.43
CA GLU D 29 0.86 8.39 6.49
C GLU D 29 2.26 8.27 5.91
N THR D 30 2.40 7.52 4.82
CA THR D 30 3.70 7.30 4.21
C THR D 30 4.01 8.30 3.10
N MET D 31 5.14 8.99 3.21
CA MET D 31 5.57 9.94 2.19
C MET D 31 7.01 9.69 1.79
N TYR D 32 7.37 10.15 0.59
CA TYR D 32 8.69 9.85 0.03
C TYR D 32 9.32 11.07 -0.61
N TRP D 33 10.66 11.08 -0.63
CA TRP D 33 11.39 12.02 -1.47
C TRP D 33 12.26 11.24 -2.44
N TYR D 34 12.07 11.51 -3.73
CA TYR D 34 12.85 10.88 -4.79
C TYR D 34 13.67 11.93 -5.53
N ARG D 35 14.79 11.50 -6.11
CA ARG D 35 15.45 12.32 -7.11
C ARG D 35 15.57 11.54 -8.41
N GLN D 36 15.46 12.25 -9.53
CA GLN D 36 15.53 11.62 -10.84
C GLN D 36 16.41 12.44 -11.77
N ASP D 37 17.57 11.89 -12.11
CA ASP D 37 18.42 12.51 -13.11
C ASP D 37 17.78 12.33 -14.47
N PRO D 38 17.85 13.36 -15.33
CA PRO D 38 17.19 13.38 -16.65
C PRO D 38 17.45 12.12 -17.48
N GLY D 39 16.37 11.42 -17.82
CA GLY D 39 16.46 10.22 -18.65
C GLY D 39 16.76 8.97 -17.85
N LEU D 40 16.89 9.11 -16.54
CA LEU D 40 17.25 7.98 -15.69
C LEU D 40 16.13 7.60 -14.72
N GLY D 41 16.45 6.75 -13.75
CA GLY D 41 15.46 6.18 -12.87
C GLY D 41 15.20 6.93 -11.58
N LEU D 42 14.25 6.42 -10.80
CA LEU D 42 13.83 7.05 -9.55
C LEU D 42 14.66 6.54 -8.37
N GLN D 43 15.38 7.45 -7.72
CA GLN D 43 16.21 7.11 -6.58
C GLN D 43 15.59 7.60 -5.28
N LEU D 44 15.31 6.67 -4.38
CA LEU D 44 14.69 7.01 -3.10
C LEU D 44 15.70 7.60 -2.13
N ILE D 45 15.42 8.82 -1.66
CA ILE D 45 16.28 9.50 -0.70
C ILE D 45 15.88 9.18 0.73
N TYR D 46 14.60 9.40 1.04
CA TYR D 46 14.07 9.15 2.37
C TYR D 46 12.61 8.70 2.30
N ILE D 47 12.21 7.87 3.26
CA ILE D 47 10.81 7.50 3.41
C ILE D 47 10.35 7.86 4.82
N SER D 48 9.14 8.38 4.94
CA SER D 48 8.57 8.74 6.23
C SER D 48 7.28 7.98 6.47
N TYR D 49 7.23 7.22 7.57
CA TYR D 49 6.06 6.41 7.89
C TYR D 49 5.05 7.17 8.74
N ASP D 50 5.53 8.23 9.40
CA ASP D 50 4.71 9.04 10.28
C ASP D 50 5.52 10.25 10.73
N VAL D 51 4.93 11.11 11.54
CA VAL D 51 5.64 12.23 12.13
C VAL D 51 6.84 11.73 12.94
N ASP D 52 8.01 12.29 12.64
CA ASP D 52 9.26 11.92 13.33
C ASP D 52 9.59 10.43 13.20
N SER D 53 9.07 9.79 12.17
CA SER D 53 9.39 8.39 11.89
C SER D 53 9.93 8.23 10.48
N ASN D 54 11.19 8.59 10.30
CA ASN D 54 11.82 8.58 8.99
C ASN D 54 12.91 7.53 8.86
N SER D 55 13.05 6.98 7.66
CA SER D 55 14.08 5.97 7.40
C SER D 55 14.85 6.32 6.13
N GLU D 56 16.14 5.98 6.11
CA GLU D 56 16.98 6.27 4.96
C GLU D 56 16.56 5.44 3.74
N GLY D 57 16.69 6.04 2.57
CA GLY D 57 16.42 5.34 1.33
C GLY D 57 17.70 4.75 0.77
N ASP D 58 17.85 4.80 -0.54
CA ASP D 58 19.04 4.28 -1.20
C ASP D 58 20.19 5.28 -1.16
N ILE D 59 19.87 6.57 -1.25
CA ILE D 59 20.90 7.60 -1.32
C ILE D 59 20.68 8.78 -0.37
N PRO D 60 20.70 8.52 0.94
CA PRO D 60 20.43 9.59 1.91
C PRO D 60 21.58 10.60 2.07
N LYS D 61 22.77 10.24 1.60
CA LYS D 61 23.96 11.06 1.80
C LYS D 61 23.83 12.44 1.16
N GLY D 62 24.01 13.48 1.98
CA GLY D 62 23.92 14.85 1.50
C GLY D 62 22.52 15.42 1.69
N TYR D 63 21.61 14.60 2.17
CA TYR D 63 20.23 15.03 2.42
C TYR D 63 19.79 14.71 3.83
N ARG D 64 18.80 15.47 4.30
CA ARG D 64 18.07 15.12 5.51
C ARG D 64 16.63 15.61 5.35
N VAL D 65 15.73 15.11 6.18
CA VAL D 65 14.32 15.42 6.03
C VAL D 65 13.67 15.85 7.33
N SER D 66 12.47 16.43 7.23
CA SER D 66 11.71 16.86 8.39
C SER D 66 10.23 16.54 8.22
N ARG D 67 9.70 15.75 9.15
CA ARG D 67 8.29 15.41 9.16
C ARG D 67 7.68 15.74 10.51
N LYS D 68 7.31 17.01 10.69
CA LYS D 68 6.72 17.45 11.96
C LYS D 68 5.20 17.41 11.91
N LYS D 69 4.66 17.41 10.70
CA LYS D 69 3.23 17.30 10.48
C LYS D 69 2.94 16.28 9.38
N ARG D 70 1.87 15.53 9.53
CA ARG D 70 1.55 14.44 8.60
C ARG D 70 1.28 14.94 7.18
N GLU D 71 0.82 16.18 7.06
CA GLU D 71 0.44 16.72 5.77
C GLU D 71 1.64 17.19 4.95
N HIS D 72 2.79 17.36 5.61
CA HIS D 72 3.95 17.92 4.93
C HIS D 72 5.21 17.08 5.11
N PHE D 73 6.16 17.25 4.18
CA PHE D 73 7.41 16.50 4.18
C PHE D 73 8.49 17.34 3.52
N SER D 74 9.46 17.80 4.31
CA SER D 74 10.49 18.70 3.80
C SER D 74 11.79 18.00 3.48
N LEU D 75 12.42 18.37 2.37
CA LEU D 75 13.73 17.86 2.00
C LEU D 75 14.78 18.94 2.24
N ILE D 76 15.83 18.59 2.97
CA ILE D 76 16.83 19.58 3.38
C ILE D 76 18.23 19.24 2.90
N LEU D 77 18.87 20.20 2.24
CA LEU D 77 20.27 20.11 1.84
C LEU D 77 21.07 21.15 2.61
N ASP D 78 21.90 20.70 3.54
CA ASP D 78 22.67 21.62 4.39
C ASP D 78 23.70 22.42 3.59
N SER D 79 24.44 21.73 2.74
CA SER D 79 25.45 22.37 1.90
C SER D 79 25.40 21.81 0.48
N ALA D 80 24.77 22.55 -0.41
CA ALA D 80 24.50 22.09 -1.77
C ALA D 80 25.76 21.80 -2.57
N LYS D 81 25.81 20.62 -3.18
CA LYS D 81 26.89 20.27 -4.09
C LYS D 81 26.36 20.32 -5.52
N THR D 82 27.27 20.47 -6.48
CA THR D 82 26.86 20.57 -7.89
C THR D 82 26.25 19.25 -8.39
N ASN D 83 26.67 18.14 -7.80
CA ASN D 83 26.14 16.83 -8.22
C ASN D 83 24.76 16.56 -7.64
N GLN D 84 24.22 17.54 -6.92
CA GLN D 84 22.87 17.44 -6.40
C GLN D 84 21.89 18.17 -7.32
N THR D 85 22.42 18.64 -8.44
CA THR D 85 21.58 19.19 -9.51
C THR D 85 20.76 18.07 -10.13
N SER D 86 19.44 18.15 -9.97
CA SER D 86 18.55 17.09 -10.43
C SER D 86 17.10 17.54 -10.37
N VAL D 87 16.20 16.61 -10.67
CA VAL D 87 14.77 16.83 -10.47
C VAL D 87 14.31 16.03 -9.26
N TYR D 88 13.69 16.71 -8.30
CA TYR D 88 13.28 16.06 -7.07
C TYR D 88 11.77 15.89 -7.00
N PHE D 89 11.32 14.67 -6.74
CA PHE D 89 9.89 14.38 -6.63
C PHE D 89 9.51 14.00 -5.21
N CYS D 90 8.54 14.71 -4.66
CA CYS D 90 7.90 14.31 -3.42
C CYS D 90 6.74 13.38 -3.76
N ALA D 91 6.47 12.42 -2.88
CA ALA D 91 5.42 11.45 -3.14
C ALA D 91 4.76 10.97 -1.85
N SER D 92 3.54 10.44 -1.98
CA SER D 92 2.86 9.84 -0.84
C SER D 92 1.99 8.67 -1.31
N SER D 93 1.69 7.76 -0.40
CA SER D 93 0.82 6.63 -0.69
C SER D 93 0.24 6.09 0.60
N LEU D 94 -0.78 5.25 0.47
CA LEU D 94 -1.30 4.53 1.61
C LEU D 94 -0.69 3.12 1.60
N GLY D 95 0.56 3.04 2.03
CA GLY D 95 1.28 1.76 2.02
C GLY D 95 1.52 1.28 0.60
N HIS D 96 1.39 -0.03 0.40
CA HIS D 96 1.62 -0.63 -0.91
C HIS D 96 0.40 -0.46 -1.83
N THR D 97 -0.01 0.78 -2.03
CA THR D 97 -1.02 1.12 -3.03
C THR D 97 -0.52 2.29 -3.86
N GLU D 98 -1.41 2.90 -4.64
CA GLU D 98 -1.02 3.96 -5.57
C GLU D 98 -0.16 5.05 -4.96
N VAL D 99 1.00 5.29 -5.58
CA VAL D 99 1.87 6.37 -5.19
C VAL D 99 1.55 7.62 -5.98
N PHE D 100 1.28 8.72 -5.28
CA PHE D 100 1.01 9.99 -5.92
C PHE D 100 2.26 10.85 -5.93
N PHE D 101 2.66 11.32 -7.11
CA PHE D 101 3.85 12.15 -7.23
C PHE D 101 3.51 13.63 -7.41
N GLY D 102 4.37 14.50 -6.89
CA GLY D 102 4.27 15.92 -7.16
C GLY D 102 4.74 16.20 -8.57
N LYS D 103 4.67 17.47 -8.98
CA LYS D 103 5.06 17.84 -10.33
C LYS D 103 6.57 17.97 -10.46
N GLY D 104 7.26 17.88 -9.32
CA GLY D 104 8.72 17.86 -9.31
C GLY D 104 9.35 19.22 -9.07
N THR D 105 10.61 19.20 -8.63
CA THR D 105 11.37 20.42 -8.44
C THR D 105 12.69 20.35 -9.20
N ARG D 106 12.87 21.23 -10.18
CA ARG D 106 14.12 21.31 -10.91
C ARG D 106 15.12 22.15 -10.13
N LEU D 107 16.03 21.48 -9.43
CA LEU D 107 17.08 22.17 -8.68
C LEU D 107 18.39 22.17 -9.44
N THR D 108 18.93 23.35 -9.70
CA THR D 108 20.24 23.47 -10.32
C THR D 108 21.22 24.14 -9.38
N VAL D 109 22.28 23.43 -9.03
CA VAL D 109 23.33 23.98 -8.17
C VAL D 109 24.50 24.43 -9.05
N VAL D 110 24.77 25.73 -9.03
CA VAL D 110 25.82 26.30 -9.87
C VAL D 110 27.01 26.77 -9.06
N GLU D 111 28.15 26.91 -9.73
CA GLU D 111 29.37 27.39 -9.09
C GLU D 111 29.40 28.91 -9.01
N ASP D 112 28.75 29.56 -9.99
CA ASP D 112 28.77 31.01 -10.08
C ASP D 112 27.42 31.56 -10.56
N LEU D 113 26.75 32.32 -9.70
CA LEU D 113 25.43 32.86 -9.99
C LEU D 113 25.46 33.87 -11.13
N ARG D 114 26.62 34.47 -11.35
CA ARG D 114 26.75 35.54 -12.34
C ARG D 114 26.62 35.04 -13.79
N ASN D 115 26.58 33.73 -13.99
CA ASN D 115 26.39 33.19 -15.33
C ASN D 115 24.95 32.77 -15.62
N VAL D 116 24.06 32.97 -14.64
CA VAL D 116 22.63 32.81 -14.89
C VAL D 116 22.15 33.94 -15.79
N THR D 117 21.58 33.60 -16.94
CA THR D 117 21.11 34.60 -17.89
C THR D 117 19.82 34.16 -18.58
N PRO D 118 18.89 35.11 -18.79
CA PRO D 118 17.63 34.85 -19.50
C PRO D 118 17.87 34.52 -20.97
N PRO D 119 16.87 33.91 -21.64
CA PRO D 119 17.03 33.55 -23.05
C PRO D 119 16.74 34.70 -24.02
N LYS D 120 17.29 34.59 -25.22
CA LYS D 120 16.92 35.48 -26.32
C LYS D 120 15.96 34.73 -27.23
N VAL D 121 14.75 35.25 -27.36
CA VAL D 121 13.70 34.57 -28.11
C VAL D 121 13.47 35.20 -29.49
N SER D 122 13.57 34.39 -30.53
CA SER D 122 13.36 34.85 -31.89
C SER D 122 12.31 34.00 -32.59
N LEU D 123 11.31 34.65 -33.19
CA LEU D 123 10.24 33.97 -33.89
C LEU D 123 10.44 34.04 -35.40
N PHE D 124 10.33 32.89 -36.05
CA PHE D 124 10.56 32.81 -37.50
C PHE D 124 9.26 32.56 -38.26
N GLU D 125 8.99 33.41 -39.23
CA GLU D 125 7.78 33.31 -40.06
C GLU D 125 7.91 32.19 -41.08
N PRO D 126 6.77 31.57 -41.46
CA PRO D 126 6.77 30.40 -42.34
C PRO D 126 7.37 30.66 -43.72
N SER D 127 7.89 29.61 -44.35
CA SER D 127 8.41 29.70 -45.70
C SER D 127 7.26 29.62 -46.70
N LYS D 128 7.27 30.51 -47.69
CA LYS D 128 6.22 30.53 -48.70
C LYS D 128 6.26 29.30 -49.58
N ALA D 129 7.43 28.67 -49.67
CA ALA D 129 7.59 27.43 -50.42
C ALA D 129 6.82 26.30 -49.74
N GLU D 130 6.73 26.37 -48.42
CA GLU D 130 5.94 25.41 -47.65
C GLU D 130 4.45 25.70 -47.79
N ILE D 131 4.11 26.99 -47.72
CA ILE D 131 2.73 27.44 -47.81
C ILE D 131 2.10 27.09 -49.16
N ALA D 132 2.89 27.21 -50.22
CA ALA D 132 2.39 27.01 -51.58
C ALA D 132 2.26 25.53 -51.93
N ASN D 133 3.27 24.74 -51.58
CA ASN D 133 3.34 23.35 -52.02
C ASN D 133 2.70 22.36 -51.06
N LYS D 134 2.34 22.81 -49.86
CA LYS D 134 1.79 21.92 -48.84
C LYS D 134 0.57 22.48 -48.13
N GLN D 135 0.23 23.73 -48.43
CA GLN D 135 -0.93 24.41 -47.85
C GLN D 135 -0.87 24.44 -46.32
N LYS D 136 0.35 24.43 -45.79
CA LYS D 136 0.55 24.51 -44.35
C LYS D 136 1.60 25.57 -44.01
N ALA D 137 1.50 26.14 -42.82
CA ALA D 137 2.43 27.17 -42.39
C ALA D 137 3.03 26.84 -41.03
N THR D 138 4.35 26.69 -40.99
CA THR D 138 5.04 26.35 -39.76
C THR D 138 5.79 27.55 -39.18
N LEU D 139 5.35 28.01 -38.00
CA LEU D 139 6.10 28.99 -37.25
C LEU D 139 7.19 28.26 -36.46
N VAL D 140 8.34 28.90 -36.28
CA VAL D 140 9.39 28.31 -35.47
C VAL D 140 9.92 29.28 -34.43
N CYS D 141 9.87 28.87 -33.17
CA CYS D 141 10.39 29.67 -32.07
C CYS D 141 11.73 29.13 -31.57
N LEU D 142 12.69 30.03 -31.39
CA LEU D 142 14.02 29.62 -30.95
C LEU D 142 14.49 30.46 -29.76
N ALA D 143 14.71 29.80 -28.63
CA ALA D 143 15.25 30.45 -27.44
C ALA D 143 16.70 30.03 -27.23
N ARG D 144 17.60 31.00 -27.15
CA ARG D 144 19.03 30.71 -27.02
C ARG D 144 19.69 31.57 -25.94
N GLY D 145 20.89 31.14 -25.54
CA GLY D 145 21.74 31.94 -24.67
C GLY D 145 21.35 31.96 -23.21
N PHE D 146 20.49 31.02 -22.78
CA PHE D 146 20.04 31.01 -21.40
C PHE D 146 20.75 29.96 -20.54
N PHE D 147 20.83 30.24 -19.25
CA PHE D 147 21.45 29.33 -18.30
C PHE D 147 20.88 29.59 -16.89
N PRO D 148 20.49 28.51 -16.19
CA PRO D 148 20.45 27.13 -16.66
C PRO D 148 19.22 26.84 -17.52
N ASP D 149 18.89 25.57 -17.73
CA ASP D 149 17.81 25.21 -18.64
C ASP D 149 16.44 25.21 -17.96
N HIS D 150 16.19 26.23 -17.14
CA HIS D 150 14.90 26.37 -16.48
C HIS D 150 13.94 27.20 -17.32
N VAL D 151 13.56 26.67 -18.48
CA VAL D 151 12.64 27.38 -19.36
C VAL D 151 11.41 26.54 -19.69
N GLU D 152 10.27 27.22 -19.86
CA GLU D 152 9.04 26.60 -20.30
C GLU D 152 8.49 27.37 -21.50
N LEU D 153 8.37 26.69 -22.63
CA LEU D 153 7.92 27.32 -23.85
C LEU D 153 6.45 27.00 -24.12
N SER D 154 5.68 28.04 -24.45
CA SER D 154 4.27 27.87 -24.76
C SER D 154 3.89 28.69 -25.99
N TRP D 155 2.87 28.22 -26.70
CA TRP D 155 2.35 28.95 -27.86
C TRP D 155 1.00 29.57 -27.55
N TRP D 156 0.82 30.83 -27.92
CA TRP D 156 -0.43 31.54 -27.68
C TRP D 156 -0.99 32.11 -28.98
N VAL D 157 -2.21 31.71 -29.32
CA VAL D 157 -2.86 32.22 -30.52
C VAL D 157 -4.13 32.99 -30.17
N ASN D 158 -4.14 34.27 -30.52
CA ASN D 158 -5.27 35.16 -30.26
C ASN D 158 -5.70 35.19 -28.80
N GLY D 159 -4.71 35.16 -27.90
CA GLY D 159 -4.98 35.27 -26.48
C GLY D 159 -5.21 33.93 -25.78
N LYS D 160 -5.27 32.85 -26.54
CA LYS D 160 -5.44 31.52 -25.98
C LYS D 160 -4.24 30.63 -26.25
N GLU D 161 -3.82 29.87 -25.24
CA GLU D 161 -2.72 28.93 -25.40
C GLU D 161 -3.16 27.71 -26.20
N VAL D 162 -2.41 27.41 -27.25
CA VAL D 162 -2.73 26.26 -28.10
C VAL D 162 -1.83 25.07 -27.79
N HIS D 163 -2.30 23.88 -28.10
CA HIS D 163 -1.54 22.66 -27.87
C HIS D 163 -1.49 21.81 -29.14
N SER D 164 -2.45 22.02 -30.02
CA SER D 164 -2.49 21.32 -31.30
C SER D 164 -1.52 21.93 -32.30
N GLY D 165 -0.88 21.07 -33.09
CA GLY D 165 0.08 21.52 -34.09
C GLY D 165 1.36 22.02 -33.47
N VAL D 166 1.58 21.68 -32.21
CA VAL D 166 2.75 22.16 -31.47
C VAL D 166 3.72 21.04 -31.14
N CYS D 167 5.00 21.27 -31.36
CA CYS D 167 6.03 20.33 -30.93
C CYS D 167 7.28 21.05 -30.44
N THR D 168 7.53 20.97 -29.14
CA THR D 168 8.68 21.59 -28.52
C THR D 168 9.72 20.53 -28.16
N ASP D 169 11.01 20.88 -28.29
CA ASP D 169 12.09 20.00 -27.87
C ASP D 169 11.91 19.60 -26.40
N PRO D 170 11.95 18.29 -26.11
CA PRO D 170 11.75 17.80 -24.74
C PRO D 170 12.88 18.19 -23.80
N GLN D 171 14.05 18.48 -24.37
CA GLN D 171 15.20 18.87 -23.56
C GLN D 171 16.06 19.89 -24.28
N ALA D 172 16.49 20.92 -23.55
CA ALA D 172 17.33 21.97 -24.12
C ALA D 172 18.72 21.42 -24.44
N TYR D 173 19.37 22.03 -25.42
CA TYR D 173 20.70 21.60 -25.84
C TYR D 173 21.75 22.64 -25.45
N LYS D 174 22.94 22.17 -25.10
CA LYS D 174 24.00 23.06 -24.67
C LYS D 174 24.85 23.56 -25.84
N GLU D 175 24.75 24.85 -26.12
CA GLU D 175 25.57 25.48 -27.15
C GLU D 175 27.02 25.53 -26.70
N SER D 176 27.27 26.15 -25.56
CA SER D 176 28.59 26.16 -24.94
C SER D 176 28.49 25.60 -23.53
N ASN D 177 29.26 26.16 -22.60
CA ASN D 177 29.23 25.70 -21.22
C ASN D 177 28.19 26.45 -20.39
N TYR D 178 27.91 27.69 -20.79
CA TYR D 178 26.94 28.50 -20.06
C TYR D 178 25.83 29.02 -20.97
N SER D 179 25.50 28.24 -22.00
CA SER D 179 24.47 28.66 -22.95
C SER D 179 23.64 27.48 -23.43
N TYR D 180 22.33 27.53 -23.15
CA TYR D 180 21.42 26.51 -23.62
C TYR D 180 20.56 27.04 -24.78
N ALA D 181 20.01 26.12 -25.56
CA ALA D 181 19.14 26.48 -26.67
C ALA D 181 17.94 25.55 -26.73
N LEU D 182 16.75 26.13 -26.84
CA LEU D 182 15.51 25.36 -26.96
C LEU D 182 14.70 25.85 -28.14
N SER D 183 14.15 24.93 -28.92
CA SER D 183 13.36 25.28 -30.09
C SER D 183 11.98 24.63 -30.07
N SER D 184 11.05 25.22 -30.80
CA SER D 184 9.69 24.70 -30.91
C SER D 184 9.06 25.19 -32.19
N ARG D 185 8.02 24.50 -32.65
CA ARG D 185 7.34 24.94 -33.86
C ARG D 185 5.83 24.73 -33.78
N LEU D 186 5.09 25.67 -34.36
CA LEU D 186 3.65 25.59 -34.45
C LEU D 186 3.22 25.55 -35.91
N ARG D 187 2.45 24.53 -36.27
CA ARG D 187 2.03 24.37 -37.66
C ARG D 187 0.52 24.54 -37.81
N VAL D 188 0.14 25.49 -38.65
CA VAL D 188 -1.28 25.72 -38.94
C VAL D 188 -1.52 25.65 -40.44
N SER D 189 -2.78 25.64 -40.84
CA SER D 189 -3.14 25.65 -42.25
C SER D 189 -2.69 26.96 -42.90
N ALA D 190 -2.41 26.91 -44.20
CA ALA D 190 -2.03 28.11 -44.94
C ALA D 190 -3.14 29.15 -44.87
N THR D 191 -4.38 28.64 -44.80
CA THR D 191 -5.55 29.49 -44.68
C THR D 191 -5.54 30.30 -43.39
N PHE D 192 -5.26 29.63 -42.27
CA PHE D 192 -5.24 30.28 -40.96
C PHE D 192 -4.11 31.33 -40.89
N TRP D 193 -3.04 31.09 -41.63
CA TRP D 193 -1.89 31.99 -41.65
C TRP D 193 -2.12 33.21 -42.54
N HIS D 194 -2.97 33.06 -43.55
CA HIS D 194 -3.23 34.14 -44.48
C HIS D 194 -4.21 35.17 -43.90
N ASN D 195 -4.76 34.86 -42.73
CA ASN D 195 -5.64 35.79 -42.03
C ASN D 195 -4.84 36.79 -41.21
N PRO D 196 -4.86 38.07 -41.61
CA PRO D 196 -4.05 39.13 -41.01
C PRO D 196 -4.45 39.45 -39.57
N ARG D 197 -5.60 38.94 -39.13
CA ARG D 197 -6.12 39.26 -37.81
C ARG D 197 -5.83 38.15 -36.80
N ASN D 198 -5.11 37.13 -37.24
CA ASN D 198 -4.64 36.07 -36.35
C ASN D 198 -3.32 36.45 -35.69
N HIS D 199 -3.30 36.46 -34.36
CA HIS D 199 -2.12 36.84 -33.60
C HIS D 199 -1.41 35.62 -33.03
N PHE D 200 -0.12 35.49 -33.32
CA PHE D 200 0.67 34.38 -32.79
C PHE D 200 1.72 34.91 -31.82
N ARG D 201 1.94 34.18 -30.73
CA ARG D 201 2.97 34.55 -29.77
C ARG D 201 3.66 33.33 -29.17
N CYS D 202 4.98 33.31 -29.27
CA CYS D 202 5.79 32.28 -28.62
C CYS D 202 6.31 32.79 -27.29
N GLN D 203 5.79 32.26 -26.19
CA GLN D 203 6.18 32.69 -24.86
C GLN D 203 7.19 31.74 -24.22
N VAL D 204 8.33 32.29 -23.81
CA VAL D 204 9.32 31.51 -23.09
C VAL D 204 9.45 32.01 -21.66
N GLN D 205 8.99 31.20 -20.71
CA GLN D 205 9.10 31.56 -19.30
C GLN D 205 10.41 31.06 -18.72
N PHE D 206 11.23 32.01 -18.26
CA PHE D 206 12.53 31.68 -17.69
C PHE D 206 12.48 31.72 -16.17
N HIS D 207 12.90 30.65 -15.53
CA HIS D 207 12.97 30.60 -14.08
C HIS D 207 14.41 30.83 -13.61
N GLY D 208 14.68 32.03 -13.09
CA GLY D 208 16.02 32.40 -12.71
C GLY D 208 16.19 32.60 -11.21
N LEU D 209 16.92 33.64 -10.83
CA LEU D 209 17.12 33.97 -9.43
C LEU D 209 15.84 34.50 -8.81
N SER D 210 15.63 34.20 -7.54
CA SER D 210 14.42 34.60 -6.82
C SER D 210 14.38 36.11 -6.62
N GLU D 211 14.59 36.53 -5.37
CA GLU D 211 14.65 37.95 -5.04
C GLU D 211 15.70 38.20 -3.96
N GLU D 212 15.85 37.25 -3.04
CA GLU D 212 16.77 37.43 -1.93
C GLU D 212 18.23 37.38 -2.37
N ASP D 213 18.51 36.76 -3.53
CA ASP D 213 19.87 36.71 -4.03
C ASP D 213 20.42 38.10 -4.32
N LYS D 214 21.70 38.27 -4.08
CA LYS D 214 22.36 39.56 -4.28
C LYS D 214 22.96 39.65 -5.67
N TRP D 215 22.67 40.74 -6.36
CA TRP D 215 23.18 40.98 -7.70
C TRP D 215 23.72 42.40 -7.79
N PRO D 216 24.81 42.59 -8.56
CA PRO D 216 25.37 43.93 -8.76
C PRO D 216 24.37 44.89 -9.41
N GLU D 217 24.70 46.17 -9.42
CA GLU D 217 23.79 47.18 -9.93
C GLU D 217 24.30 47.82 -11.22
N GLY D 218 25.17 47.09 -11.92
CA GLY D 218 25.67 47.52 -13.20
C GLY D 218 25.16 46.61 -14.31
N SER D 219 24.22 45.74 -13.94
CA SER D 219 23.63 44.79 -14.87
C SER D 219 22.29 44.28 -14.35
N PRO D 220 21.33 44.04 -15.26
CA PRO D 220 20.01 43.53 -14.87
C PRO D 220 20.07 42.19 -14.15
N LYS D 221 19.27 42.04 -13.10
CA LYS D 221 19.24 40.82 -12.33
C LYS D 221 18.35 39.76 -12.98
N PRO D 222 18.95 38.60 -13.31
CA PRO D 222 18.27 37.49 -14.00
C PRO D 222 17.14 36.88 -13.18
N VAL D 223 16.08 37.64 -12.99
CA VAL D 223 14.93 37.19 -12.20
C VAL D 223 14.01 36.34 -13.08
N THR D 224 13.14 35.56 -12.44
CA THR D 224 12.12 34.79 -13.15
C THR D 224 11.25 35.73 -13.98
N GLN D 225 11.15 35.45 -15.28
CA GLN D 225 10.46 36.37 -16.19
C GLN D 225 9.94 35.67 -17.43
N ASN D 226 8.99 36.31 -18.09
CA ASN D 226 8.48 35.84 -19.38
C ASN D 226 9.04 36.67 -20.52
N ILE D 227 9.57 35.99 -21.54
CA ILE D 227 10.06 36.66 -22.73
C ILE D 227 9.36 36.09 -23.96
N SER D 228 8.65 36.95 -24.68
CA SER D 228 7.82 36.50 -25.79
C SER D 228 8.25 37.08 -27.14
N ALA D 229 7.71 36.50 -28.21
CA ALA D 229 7.93 37.00 -29.56
C ALA D 229 6.62 36.87 -30.35
N GLU D 230 6.13 37.99 -30.86
CA GLU D 230 4.83 38.03 -31.52
C GLU D 230 4.92 38.10 -33.03
N ALA D 231 3.82 37.74 -33.70
CA ALA D 231 3.74 37.84 -35.16
C ALA D 231 2.29 37.80 -35.61
N TRP D 232 2.02 38.46 -36.74
CA TRP D 232 0.69 38.47 -37.36
C TRP D 232 0.70 37.68 -38.65
N GLY D 233 -0.48 37.26 -39.10
CA GLY D 233 -0.61 36.55 -40.35
C GLY D 233 -0.51 37.47 -41.56
N ARG D 234 -0.53 36.88 -42.75
CA ARG D 234 -0.51 37.68 -43.97
C ARG D 234 -1.78 38.51 -44.11
N ARG E 1 -0.24 -19.40 6.24
CA ARG E 1 0.46 -18.15 6.54
C ARG E 1 -0.52 -17.03 6.77
N GLY E 2 -0.10 -16.04 7.56
CA GLY E 2 -0.99 -14.97 7.99
C GLY E 2 -1.12 -13.83 7.00
N PRO E 3 -2.03 -12.90 7.30
CA PRO E 3 -2.32 -11.72 6.47
C PRO E 3 -1.38 -10.55 6.76
N GLY E 4 -1.18 -9.69 5.78
CA GLY E 4 -0.35 -8.52 5.96
C GLY E 4 -1.16 -7.24 5.84
N ARG E 5 -0.80 -6.24 6.64
CA ARG E 5 -1.45 -4.94 6.57
C ARG E 5 -1.01 -4.20 5.30
N ALA E 6 0.19 -4.53 4.83
CA ALA E 6 0.81 -3.88 3.67
C ALA E 6 0.93 -2.38 3.88
N PHE E 7 1.05 -1.99 5.15
CA PHE E 7 1.16 -0.58 5.55
C PHE E 7 -0.02 0.26 5.08
N VAL E 8 -1.14 -0.39 4.78
CA VAL E 8 -2.39 0.30 4.50
C VAL E 8 -3.03 0.67 5.82
N THR E 9 -2.62 1.82 6.36
CA THR E 9 -3.03 2.26 7.68
C THR E 9 -4.43 2.88 7.69
N ILE E 10 -5.06 2.92 8.87
CA ILE E 10 -6.41 3.44 9.00
C ILE E 10 -6.46 4.95 8.79
C1 EDO F . -3.72 -2.41 -4.64
O1 EDO F . -4.27 -2.76 -5.92
C2 EDO F . -3.79 -3.61 -3.71
O2 EDO F . -5.15 -3.94 -3.44
C1 EDO G . -3.63 15.53 9.19
O1 EDO G . -4.79 15.67 10.02
C2 EDO G . -4.00 14.67 7.99
O2 EDO G . -3.97 13.29 8.38
C1 EDO H . -2.08 -4.54 29.44
O1 EDO H . -2.64 -3.38 28.82
C2 EDO H . -2.26 -5.77 28.55
O2 EDO H . -1.20 -5.81 27.57
C1 EDO I . 4.76 -12.72 -19.88
O1 EDO I . 5.06 -11.33 -20.04
C2 EDO I . 3.39 -13.02 -20.50
O2 EDO I . 3.39 -12.69 -21.89
#